data_2FDC
#
_entry.id   2FDC
#
_cell.length_a   153.265
_cell.length_b   153.265
_cell.length_c   160.170
_cell.angle_alpha   90.00
_cell.angle_beta   90.00
_cell.angle_gamma   120.00
#
_symmetry.space_group_name_H-M   'P 32 2 1'
#
loop_
_entity.id
_entity.type
_entity.pdbx_description
1 polymer "5'-D(P*CP*GP*GP*CP*TP*CP*CP*AP*TP*CP*TP*CP*TP*AP*CP*CP*GP*CP*AP*A)-3'"
2 polymer 'UvrABC system protein B'
3 non-polymer "N-[6-(ACETYLAMINO)HEXYL]-3',6'-DIHYDROXY-3-OXO-3H-SPIRO[2-BENZOFURAN-1,9'-XANTHENE]-6-CARBOXAMIDE"
#
loop_
_entity_poly.entity_id
_entity_poly.type
_entity_poly.pdbx_seq_one_letter_code
_entity_poly.pdbx_strand_id
1 'polydeoxyribonucleotide' (DC)(DG)(DG)(DC)(DT)(DC)(DC)(DA)(DT)(DC)(DT)(DC)(DT)(DA)(DC)(DC)(DG)(DC)(DA)(DA) C,D
2 'polypeptide(L)'
;VEGRFQLVAPYEPQGDQPQAIAKLVDGLRRGVKHQTLLGATGTGKTFTISNVIAQVNKPTLVIAHNKTLAGQLYSELKEF
FPHNAVEYFVSYYDYYQPEAYVPQTDTYIEKDAKINDEIDKLRHSATSALFERRDVIIVASVSCIYGLGSPEEYRELVVS
LRVGMEIERNALLRRLVDIQYDRNDIDFRRGTFRVRGDVVEIFPASRDEHCIRVEFFGDEIERIREVDALTGEVLGEREH
VAIFPASHFVTREEKMRLAIQNIEQELEERLAELRAQGKLLEAQRLEQRTRYDLEMMREMGFCSGIENYSRHLALRPPGS
TPYTLLDYFPDDFLIIVDESHVTLPQLRGMYNGDRARKQVLVDHGFRLPSALDNRPLTFEEFEQKINQIIYVSATPGPYE
LEHSPGVVEQIIRPTGLLDPTIDVRPTKGQIDDLIGEIRERVERNERTLVTTLTKKMAEDLTDYLKEAGIKVAYLHSEIK
TLERIEIIRDLRLGKYDVLVGINLLREGLDIPEVSLVAILDADKEGFLRSERSLIQTIGRAARNANGHVIMYADTITKSM
EIAIQETKRRRAIQEEYNRKHGIVPRTVKKEIRDVIRATYAAEETEMYEAKPAAAMTKQEREELIRTLEAEMKEAAKALD
FERAAQLRDIIFELKAEG
;
A,B
#
# COMPACT_ATOMS: atom_id res chain seq x y z
N VAL C 1 1.45 -11.72 14.52
CA VAL C 1 -0.04 -11.86 14.60
C VAL C 1 -0.75 -10.48 14.38
N GLU C 2 -0.93 -9.70 15.47
CA GLU C 2 -1.63 -8.38 15.42
C GLU C 2 -1.23 -7.49 16.65
N GLY C 3 -1.92 -7.69 17.77
CA GLY C 3 -1.65 -6.96 19.01
C GLY C 3 -1.90 -7.91 20.15
N ARG C 4 -0.99 -7.90 21.15
CA ARG C 4 -1.11 -8.81 22.30
C ARG C 4 -0.24 -8.40 23.50
N PHE C 5 -0.72 -8.77 24.70
CA PHE C 5 -0.12 -8.33 25.99
C PHE C 5 1.21 -9.01 26.40
N GLN C 6 2.12 -8.19 26.93
CA GLN C 6 3.46 -8.62 27.34
C GLN C 6 3.68 -8.26 28.82
N LEU C 7 3.36 -9.21 29.70
CA LEU C 7 3.48 -9.01 31.15
C LEU C 7 4.95 -8.76 31.53
N VAL C 8 5.18 -7.87 32.48
CA VAL C 8 6.54 -7.57 32.98
C VAL C 8 6.48 -7.43 34.50
N ALA C 9 7.30 -8.21 35.21
CA ALA C 9 7.32 -8.17 36.69
C ALA C 9 8.32 -9.22 37.21
N PRO C 10 9.24 -8.81 38.12
CA PRO C 10 10.28 -9.72 38.60
C PRO C 10 9.79 -10.79 39.60
N TYR C 11 8.69 -11.45 39.28
CA TYR C 11 8.15 -12.55 40.10
C TYR C 11 7.01 -13.27 39.37
N GLU C 12 6.87 -14.55 39.66
CA GLU C 12 5.85 -15.40 39.06
C GLU C 12 4.60 -15.29 39.96
N PRO C 13 3.45 -15.89 39.56
CA PRO C 13 2.35 -15.88 40.52
C PRO C 13 2.56 -16.94 41.59
N GLN C 14 2.62 -16.52 42.85
CA GLN C 14 2.70 -17.46 43.97
C GLN C 14 1.38 -17.40 44.77
N GLY C 15 1.37 -17.87 46.02
CA GLY C 15 0.12 -17.96 46.80
C GLY C 15 -0.85 -18.91 46.11
N ASP C 16 -2.15 -18.64 46.21
CA ASP C 16 -3.13 -19.39 45.39
C ASP C 16 -3.55 -18.54 44.19
N GLN C 17 -2.67 -17.62 43.80
CA GLN C 17 -2.91 -16.76 42.65
C GLN C 17 -3.09 -17.61 41.40
N PRO C 18 -2.15 -18.56 41.15
CA PRO C 18 -2.29 -19.43 39.96
C PRO C 18 -3.66 -20.14 39.88
N GLN C 19 -4.11 -20.70 40.99
CA GLN C 19 -5.41 -21.36 41.09
C GLN C 19 -6.52 -20.44 40.60
N ALA C 20 -6.44 -19.17 41.02
CA ALA C 20 -7.45 -18.15 40.70
C ALA C 20 -7.39 -17.71 39.24
N ILE C 21 -6.17 -17.48 38.73
CA ILE C 21 -5.97 -17.08 37.32
C ILE C 21 -6.55 -18.17 36.42
N ALA C 22 -6.23 -19.42 36.72
CA ALA C 22 -6.77 -20.56 35.98
C ALA C 22 -8.29 -20.50 35.94
N LYS C 23 -8.90 -20.57 37.12
CA LYS C 23 -10.36 -20.60 37.25
C LYS C 23 -11.04 -19.42 36.48
N LEU C 24 -10.37 -18.25 36.45
CA LEU C 24 -10.92 -17.02 35.76
C LEU C 24 -10.71 -17.05 34.25
N VAL C 25 -9.45 -17.18 33.83
CA VAL C 25 -9.08 -17.31 32.40
C VAL C 25 -9.91 -18.42 31.72
N ASP C 26 -10.32 -19.41 32.51
CA ASP C 26 -11.20 -20.44 32.03
C ASP C 26 -12.63 -19.93 31.84
N GLY C 27 -13.27 -19.49 32.92
CA GLY C 27 -14.67 -18.99 32.88
C GLY C 27 -14.92 -18.00 31.76
N LEU C 28 -13.92 -17.16 31.49
CA LEU C 28 -13.99 -16.23 30.36
C LEU C 28 -14.16 -17.05 29.04
N ARG C 29 -13.14 -17.84 28.72
CA ARG C 29 -13.14 -18.67 27.49
C ARG C 29 -14.29 -19.66 27.48
N ARG C 30 -14.63 -20.19 28.66
CA ARG C 30 -15.75 -21.12 28.80
C ARG C 30 -17.10 -20.40 28.58
N GLY C 31 -17.06 -19.11 28.20
CA GLY C 31 -18.25 -18.34 27.93
C GLY C 31 -19.10 -18.10 29.17
N VAL C 32 -18.50 -17.48 30.19
CA VAL C 32 -19.21 -17.11 31.43
C VAL C 32 -19.39 -15.61 31.45
N LYS C 33 -20.61 -15.18 31.76
CA LYS C 33 -20.95 -13.75 31.77
C LYS C 33 -20.21 -12.96 32.90
N HIS C 34 -20.51 -13.33 34.16
CA HIS C 34 -19.96 -12.66 35.33
C HIS C 34 -18.99 -13.57 36.11
N GLN C 35 -18.00 -12.95 36.76
CA GLN C 35 -17.05 -13.66 37.59
C GLN C 35 -16.60 -12.78 38.77
N THR C 36 -16.64 -13.34 39.97
CA THR C 36 -16.27 -12.61 41.17
C THR C 36 -14.97 -13.16 41.74
N LEU C 37 -13.93 -12.34 41.75
CA LEU C 37 -12.69 -12.69 42.41
C LEU C 37 -12.88 -12.28 43.86
N LEU C 38 -12.71 -13.24 44.77
CA LEU C 38 -12.87 -13.00 46.19
C LEU C 38 -11.51 -13.10 46.83
N GLY C 39 -10.67 -12.13 46.54
CA GLY C 39 -9.30 -12.10 47.07
C GLY C 39 -9.25 -11.40 48.41
N ALA C 40 -8.25 -11.72 49.21
CA ALA C 40 -8.15 -11.17 50.57
C ALA C 40 -7.28 -9.95 50.66
N THR C 41 -7.69 -8.99 51.48
CA THR C 41 -6.94 -7.76 51.68
C THR C 41 -5.48 -8.17 51.87
N GLY C 42 -4.65 -7.92 50.86
CA GLY C 42 -3.19 -8.27 50.91
C GLY C 42 -2.78 -9.54 50.15
N THR C 43 -3.38 -9.77 48.99
CA THR C 43 -3.01 -10.92 48.15
C THR C 43 -2.59 -10.44 46.70
N GLY C 44 -2.70 -11.30 45.69
CA GLY C 44 -2.35 -10.89 44.30
C GLY C 44 -3.22 -9.75 43.68
N LYS C 45 -4.54 -9.99 43.63
CA LYS C 45 -5.53 -9.07 43.03
C LYS C 45 -5.07 -8.41 41.70
N THR C 46 -4.27 -7.34 41.78
CA THR C 46 -3.81 -6.62 40.57
C THR C 46 -2.95 -7.51 39.70
N PHE C 47 -2.01 -8.25 40.30
CA PHE C 47 -1.16 -9.17 39.55
C PHE C 47 -1.99 -10.30 39.00
N THR C 48 -2.85 -10.85 39.86
CA THR C 48 -3.76 -11.90 39.47
C THR C 48 -4.57 -11.47 38.28
N ILE C 49 -5.12 -10.27 38.37
CA ILE C 49 -6.01 -9.76 37.33
C ILE C 49 -5.17 -9.36 36.06
N SER C 50 -3.93 -8.85 36.27
CA SER C 50 -3.02 -8.51 35.17
C SER C 50 -2.81 -9.77 34.31
N ASN C 51 -2.65 -10.91 34.97
CA ASN C 51 -2.45 -12.17 34.26
C ASN C 51 -3.68 -12.59 33.50
N VAL C 52 -4.85 -12.45 34.12
CA VAL C 52 -6.10 -12.83 33.44
C VAL C 52 -6.25 -12.04 32.14
N ILE C 53 -5.68 -10.82 32.12
CA ILE C 53 -5.68 -9.96 30.93
C ILE C 53 -4.71 -10.46 29.88
N ALA C 54 -3.48 -10.75 30.33
CA ALA C 54 -2.36 -11.16 29.44
C ALA C 54 -2.40 -12.63 28.97
N GLN C 55 -3.55 -13.29 29.12
CA GLN C 55 -3.74 -14.64 28.61
C GLN C 55 -4.90 -14.59 27.62
N VAL C 56 -6.04 -14.08 28.06
CA VAL C 56 -7.20 -13.96 27.17
C VAL C 56 -7.01 -12.95 26.03
N ASN C 57 -6.06 -12.03 26.18
CA ASN C 57 -5.82 -10.99 25.17
C ASN C 57 -7.10 -10.38 24.71
N LYS C 58 -7.64 -9.48 25.54
CA LYS C 58 -8.83 -8.70 25.24
C LYS C 58 -8.57 -7.24 25.60
N PRO C 59 -9.26 -6.30 24.91
CA PRO C 59 -9.22 -4.90 25.34
C PRO C 59 -10.02 -4.77 26.64
N THR C 60 -9.39 -4.26 27.70
CA THR C 60 -10.01 -4.26 29.02
C THR C 60 -10.33 -2.89 29.61
N LEU C 61 -11.43 -2.84 30.36
CA LEU C 61 -11.84 -1.66 31.10
C LEU C 61 -11.73 -1.92 32.61
N VAL C 62 -10.89 -1.14 33.29
CA VAL C 62 -10.73 -1.25 34.73
C VAL C 62 -11.43 -0.03 35.32
N ILE C 63 -12.48 -0.29 36.10
CA ILE C 63 -13.34 0.73 36.69
C ILE C 63 -13.13 0.84 38.20
N ALA C 64 -12.53 1.92 38.64
CA ALA C 64 -12.31 2.14 40.07
C ALA C 64 -13.33 3.14 40.63
N HIS C 65 -13.62 3.03 41.93
CA HIS C 65 -14.63 3.91 42.56
C HIS C 65 -14.13 5.32 42.81
N ASN C 66 -12.90 5.45 43.30
CA ASN C 66 -12.28 6.75 43.50
C ASN C 66 -11.05 6.96 42.56
N LYS C 67 -10.62 8.20 42.44
CA LYS C 67 -9.54 8.55 41.50
C LYS C 67 -8.12 8.14 41.97
N THR C 68 -7.83 8.34 43.25
CA THR C 68 -6.54 7.93 43.79
C THR C 68 -6.29 6.49 43.46
N LEU C 69 -7.34 5.70 43.63
CA LEU C 69 -7.30 4.28 43.39
C LEU C 69 -7.10 3.96 41.91
N ALA C 70 -7.71 4.75 41.04
CA ALA C 70 -7.54 4.56 39.60
C ALA C 70 -6.11 4.90 39.23
N GLY C 71 -5.59 5.99 39.80
CA GLY C 71 -4.22 6.43 39.53
C GLY C 71 -3.12 5.41 39.87
N GLN C 72 -3.39 4.56 40.86
CA GLN C 72 -2.45 3.50 41.24
C GLN C 72 -2.63 2.29 40.32
N LEU C 73 -3.88 1.87 40.08
CA LEU C 73 -4.16 0.79 39.13
C LEU C 73 -3.45 1.06 37.80
N TYR C 74 -3.55 2.30 37.34
CA TYR C 74 -2.91 2.76 36.11
C TYR C 74 -1.40 2.71 36.30
N SER C 75 -0.90 3.49 37.24
CA SER C 75 0.54 3.53 37.56
C SER C 75 1.19 2.14 37.45
N GLU C 76 0.61 1.18 38.15
CA GLU C 76 1.10 -0.19 38.17
C GLU C 76 0.97 -0.78 36.80
N LEU C 77 -0.26 -0.87 36.31
CA LEU C 77 -0.53 -1.43 34.99
C LEU C 77 0.33 -0.80 33.87
N LYS C 78 0.63 0.50 34.00
CA LYS C 78 1.52 1.20 33.07
C LYS C 78 2.93 1.07 33.64
N GLU C 79 3.36 -0.17 33.75
CA GLU C 79 4.62 -0.55 34.39
C GLU C 79 4.64 -2.11 34.47
N PHE C 80 3.46 -2.71 34.62
CA PHE C 80 3.26 -4.19 34.45
C PHE C 80 3.32 -4.56 32.97
N PHE C 81 2.80 -3.67 32.12
CA PHE C 81 2.82 -3.82 30.66
C PHE C 81 3.42 -2.54 30.04
N PRO C 82 4.74 -2.32 30.23
CA PRO C 82 5.36 -1.06 29.76
C PRO C 82 5.51 -0.98 28.22
N HIS C 83 5.02 -2.00 27.50
CA HIS C 83 5.06 -2.04 26.06
C HIS C 83 3.65 -2.33 25.45
N ASN C 84 2.58 -1.85 26.11
CA ASN C 84 1.20 -2.05 25.61
C ASN C 84 0.31 -0.82 25.84
N ALA C 85 -0.95 -0.88 25.41
CA ALA C 85 -1.85 0.28 25.53
C ALA C 85 -2.54 0.44 26.93
N VAL C 86 -2.00 1.31 27.78
CA VAL C 86 -2.58 1.54 29.13
C VAL C 86 -3.03 2.97 29.29
N GLU C 87 -4.33 3.16 29.46
CA GLU C 87 -4.95 4.47 29.41
C GLU C 87 -5.66 4.88 30.72
N TYR C 88 -5.90 6.19 30.86
CA TYR C 88 -6.46 6.81 32.06
C TYR C 88 -7.67 7.72 31.70
N PHE C 89 -8.82 7.09 31.52
CA PHE C 89 -10.05 7.79 31.16
C PHE C 89 -10.85 8.15 32.40
N VAL C 90 -10.59 9.31 32.97
CA VAL C 90 -11.33 9.78 34.16
C VAL C 90 -11.91 11.19 33.92
N SER C 91 -12.58 11.78 34.90
CA SER C 91 -13.09 13.16 34.74
C SER C 91 -11.95 14.11 34.47
N TYR C 92 -12.22 15.16 33.70
CA TYR C 92 -11.19 16.10 33.27
C TYR C 92 -11.49 17.53 33.73
N TYR C 93 -12.16 17.66 34.88
CA TYR C 93 -12.53 18.95 35.48
C TYR C 93 -11.89 19.17 36.82
N ASP C 94 -10.94 20.10 36.90
CA ASP C 94 -10.32 20.42 38.19
C ASP C 94 -11.40 20.88 39.16
N TYR C 95 -12.43 21.53 38.63
CA TYR C 95 -13.56 21.98 39.41
C TYR C 95 -14.80 21.90 38.55
N TYR C 96 -15.92 21.54 39.17
CA TYR C 96 -17.19 21.48 38.44
C TYR C 96 -18.43 21.79 39.35
N GLN C 97 -19.30 22.67 38.85
CA GLN C 97 -20.56 23.03 39.49
C GLN C 97 -21.64 22.95 38.45
N PRO C 98 -22.43 21.86 38.45
CA PRO C 98 -23.46 21.76 37.41
C PRO C 98 -24.50 22.83 37.51
N GLU C 99 -25.09 23.17 36.38
CA GLU C 99 -26.23 24.05 36.34
C GLU C 99 -27.36 23.44 37.16
N ALA C 100 -27.72 24.09 38.28
CA ALA C 100 -28.81 23.63 39.13
C ALA C 100 -29.75 24.77 39.40
N TYR C 101 -30.80 24.50 40.17
CA TYR C 101 -31.77 25.51 40.52
C TYR C 101 -32.53 25.14 41.77
N VAL C 102 -32.20 25.80 42.90
CA VAL C 102 -32.90 25.56 44.18
C VAL C 102 -34.23 26.28 44.10
N PRO C 103 -35.34 25.52 43.99
CA PRO C 103 -36.65 26.18 43.81
C PRO C 103 -37.12 27.04 45.01
N GLN C 104 -36.89 26.57 46.25
CA GLN C 104 -37.29 27.34 47.48
C GLN C 104 -36.71 28.75 47.45
N THR C 105 -35.39 28.81 47.51
CA THR C 105 -34.68 30.05 47.57
C THR C 105 -34.57 30.74 46.17
N ASP C 106 -35.33 30.23 45.17
CA ASP C 106 -35.31 30.72 43.78
C ASP C 106 -33.88 30.94 43.29
N THR C 107 -33.00 29.99 43.60
CA THR C 107 -31.58 30.13 43.30
C THR C 107 -31.13 29.29 42.10
N TYR C 108 -31.00 29.94 40.95
CA TYR C 108 -30.43 29.29 39.80
C TYR C 108 -28.94 29.40 39.87
N ILE C 109 -28.27 28.28 40.08
CA ILE C 109 -26.82 28.24 40.01
C ILE C 109 -26.48 28.01 38.55
N GLU C 110 -25.41 28.62 38.06
CA GLU C 110 -25.03 28.46 36.66
C GLU C 110 -23.96 27.39 36.55
N LYS C 111 -23.66 26.99 35.31
CA LYS C 111 -22.63 26.01 35.06
C LYS C 111 -21.27 26.70 35.15
N ASP C 112 -20.38 26.12 35.96
CA ASP C 112 -19.02 26.60 36.14
C ASP C 112 -18.11 25.37 36.16
N ALA C 113 -17.25 25.27 35.16
CA ALA C 113 -16.38 24.12 34.98
C ALA C 113 -14.95 24.55 34.63
N LYS C 114 -13.97 23.97 35.34
CA LYS C 114 -12.56 24.22 35.07
C LYS C 114 -11.94 22.96 34.47
N ILE C 115 -11.79 22.96 33.14
CA ILE C 115 -11.20 21.82 32.41
C ILE C 115 -9.72 21.60 32.81
N ASN C 116 -9.27 20.35 32.64
CA ASN C 116 -7.87 19.99 32.80
C ASN C 116 -7.45 19.26 31.52
N ASP C 117 -6.48 19.81 30.82
CA ASP C 117 -6.02 19.29 29.52
C ASP C 117 -5.30 17.93 29.66
N GLU C 118 -4.38 17.83 30.62
CA GLU C 118 -3.58 16.62 30.81
C GLU C 118 -4.43 15.35 30.92
N ILE C 119 -5.59 15.48 31.56
CA ILE C 119 -6.51 14.36 31.66
C ILE C 119 -7.35 14.24 30.39
N ASP C 120 -7.72 15.39 29.80
CA ASP C 120 -8.47 15.39 28.52
C ASP C 120 -7.66 14.69 27.43
N LYS C 121 -6.35 14.97 27.42
CA LYS C 121 -5.41 14.32 26.52
C LYS C 121 -5.58 12.78 26.61
N LEU C 122 -5.45 12.29 27.85
CA LEU C 122 -5.51 10.85 28.15
C LEU C 122 -6.84 10.20 27.74
N ARG C 123 -7.92 10.98 27.83
CA ARG C 123 -9.26 10.50 27.45
C ARG C 123 -9.36 10.23 25.95
N HIS C 124 -8.79 11.12 25.14
CA HIS C 124 -8.76 10.93 23.69
C HIS C 124 -7.83 9.80 23.36
N SER C 125 -6.66 9.81 24.01
CA SER C 125 -5.68 8.74 23.86
C SER C 125 -6.29 7.36 24.16
N ALA C 126 -7.25 7.32 25.10
CA ALA C 126 -7.97 6.10 25.42
C ALA C 126 -8.91 5.68 24.26
N THR C 127 -9.78 6.59 23.82
CA THR C 127 -10.75 6.32 22.74
C THR C 127 -10.07 6.15 21.37
N SER C 128 -8.91 6.77 21.19
CA SER C 128 -8.17 6.69 19.91
C SER C 128 -7.29 5.43 19.86
N ALA C 129 -6.69 5.06 21.00
CA ALA C 129 -5.90 3.83 21.10
C ALA C 129 -6.83 2.63 21.05
N LEU C 130 -8.10 2.84 21.34
CA LEU C 130 -9.06 1.76 21.39
C LEU C 130 -9.44 1.33 19.97
N PHE C 131 -9.37 2.26 19.02
CA PHE C 131 -9.65 1.92 17.61
C PHE C 131 -8.38 1.48 16.85
N GLU C 132 -7.22 2.09 17.19
CA GLU C 132 -5.92 1.71 16.58
C GLU C 132 -5.53 0.23 16.88
N ARG C 133 -5.14 -0.06 18.12
CA ARG C 133 -4.75 -1.44 18.54
C ARG C 133 -5.90 -2.14 19.26
N ARG C 134 -5.77 -3.46 19.39
CA ARG C 134 -6.75 -4.29 20.09
C ARG C 134 -6.16 -4.98 21.31
N ASP C 135 -5.17 -4.35 21.92
CA ASP C 135 -4.59 -4.80 23.19
C ASP C 135 -4.50 -3.58 24.08
N VAL C 136 -5.58 -3.29 24.81
CA VAL C 136 -5.64 -2.07 25.59
C VAL C 136 -6.36 -2.19 26.94
N ILE C 137 -5.75 -1.56 27.95
CA ILE C 137 -6.26 -1.50 29.30
C ILE C 137 -6.51 -0.05 29.59
N ILE C 138 -7.76 0.31 29.86
CA ILE C 138 -8.12 1.67 30.22
C ILE C 138 -8.53 1.66 31.65
N VAL C 139 -7.81 2.39 32.50
CA VAL C 139 -8.24 2.55 33.90
C VAL C 139 -9.19 3.75 33.90
N ALA C 140 -10.44 3.50 34.25
CA ALA C 140 -11.46 4.50 34.17
C ALA C 140 -12.10 4.78 35.52
N SER C 141 -12.60 5.99 35.68
CA SER C 141 -13.38 6.34 36.82
C SER C 141 -14.77 5.98 36.41
N VAL C 142 -15.74 6.46 37.16
CA VAL C 142 -17.13 6.17 36.85
C VAL C 142 -17.62 7.09 35.70
N SER C 143 -16.74 7.94 35.16
CA SER C 143 -17.11 8.78 34.04
C SER C 143 -17.28 7.95 32.76
N CYS C 144 -16.90 6.68 32.80
CA CYS C 144 -17.03 5.86 31.61
C CYS C 144 -18.49 5.45 31.32
N ILE C 145 -19.41 5.72 32.24
CA ILE C 145 -20.82 5.49 31.93
C ILE C 145 -21.51 6.78 31.51
N TYR C 146 -20.78 7.89 31.53
CA TYR C 146 -21.37 9.15 31.13
C TYR C 146 -21.27 9.29 29.60
N GLY C 147 -22.10 10.19 29.06
CA GLY C 147 -22.26 10.40 27.62
C GLY C 147 -21.04 10.78 26.78
N LEU C 148 -21.05 10.27 25.55
CA LEU C 148 -19.99 10.45 24.59
C LEU C 148 -20.67 10.34 23.21
N GLY C 149 -19.99 10.79 22.16
CA GLY C 149 -20.57 10.70 20.82
C GLY C 149 -20.56 9.26 20.31
N SER C 150 -21.44 8.97 19.36
CA SER C 150 -21.49 7.68 18.75
C SER C 150 -20.11 7.36 18.19
N PRO C 151 -19.55 6.15 18.51
CA PRO C 151 -18.20 5.72 18.07
C PRO C 151 -18.00 5.52 16.52
N GLU C 152 -19.06 5.23 15.77
CA GLU C 152 -18.97 5.09 14.31
C GLU C 152 -18.66 6.50 13.83
N GLU C 153 -19.58 7.42 14.10
CA GLU C 153 -19.43 8.83 13.77
C GLU C 153 -18.07 9.42 14.28
N TYR C 154 -17.43 8.77 15.26
CA TYR C 154 -16.11 9.23 15.79
C TYR C 154 -14.98 8.97 14.79
N ARG C 155 -14.86 7.71 14.38
CA ARG C 155 -13.86 7.27 13.42
C ARG C 155 -14.40 7.44 12.01
N GLU C 156 -15.73 7.30 11.85
CA GLU C 156 -16.39 7.56 10.54
C GLU C 156 -16.22 9.04 10.13
N LEU C 157 -15.58 9.82 10.99
CA LEU C 157 -15.15 11.19 10.68
C LEU C 157 -13.70 11.30 11.18
N VAL C 158 -12.75 10.82 10.39
CA VAL C 158 -11.36 10.84 10.80
C VAL C 158 -10.38 10.96 9.59
N VAL C 159 -9.50 11.96 9.64
CA VAL C 159 -8.51 12.19 8.59
C VAL C 159 -7.32 11.22 8.75
N ILE C 243 -6.75 12.92 11.16
CA ILE C 243 -6.01 11.87 11.84
C ILE C 243 -6.85 11.36 13.03
N PHE C 244 -7.39 12.29 13.86
CA PHE C 244 -8.38 11.96 14.95
C PHE C 244 -9.08 13.24 15.52
N PRO C 245 -10.44 13.17 15.78
CA PRO C 245 -11.19 14.36 16.28
C PRO C 245 -10.73 14.87 17.64
N ALA C 246 -10.61 16.19 17.77
CA ALA C 246 -10.24 16.83 19.04
C ALA C 246 -11.43 16.94 20.04
N SER C 247 -12.62 16.46 19.63
CA SER C 247 -13.82 16.45 20.47
C SER C 247 -14.61 15.14 20.23
N HIS C 248 -15.15 14.57 21.32
CA HIS C 248 -15.91 13.30 21.26
C HIS C 248 -17.35 13.47 20.81
N PHE C 249 -17.76 14.72 20.59
CA PHE C 249 -19.15 15.01 20.26
C PHE C 249 -19.28 15.78 18.92
N VAL C 250 -18.39 15.50 17.96
CA VAL C 250 -18.35 16.24 16.66
C VAL C 250 -19.51 15.94 15.69
N THR C 251 -20.55 16.77 15.75
CA THR C 251 -21.74 16.60 14.92
C THR C 251 -21.60 17.31 13.55
N ARG C 252 -21.76 16.51 12.49
CA ARG C 252 -21.72 17.00 11.09
C ARG C 252 -22.68 18.17 10.92
N GLU C 253 -22.52 18.92 9.81
CA GLU C 253 -23.33 20.16 9.60
C GLU C 253 -24.64 19.98 8.83
N GLU C 254 -24.85 18.83 8.21
CA GLU C 254 -26.15 18.55 7.61
C GLU C 254 -27.10 18.20 8.73
N LYS C 255 -26.54 17.61 9.79
CA LYS C 255 -27.26 17.20 11.01
C LYS C 255 -27.67 18.47 11.81
N MET C 256 -26.66 19.29 12.12
CA MET C 256 -26.84 20.56 12.84
C MET C 256 -28.05 21.33 12.33
N ARG C 257 -28.14 21.44 10.99
CA ARG C 257 -29.26 22.13 10.36
C ARG C 257 -30.58 21.48 10.71
N LEU C 258 -30.66 20.16 10.59
CA LEU C 258 -31.90 19.49 10.88
C LEU C 258 -32.19 19.50 12.36
N ALA C 259 -31.15 19.36 13.18
CA ALA C 259 -31.30 19.25 14.65
C ALA C 259 -31.89 20.50 15.27
N ILE C 260 -31.35 21.65 14.84
CA ILE C 260 -31.81 22.95 15.32
C ILE C 260 -33.30 23.10 15.05
N GLN C 261 -33.75 22.66 13.90
CA GLN C 261 -35.15 22.71 13.59
C GLN C 261 -35.92 21.82 14.54
N ASN C 262 -35.40 20.63 14.83
CA ASN C 262 -36.03 19.74 15.80
C ASN C 262 -36.07 20.35 17.22
N ILE C 263 -35.05 21.15 17.57
CA ILE C 263 -35.02 21.81 18.88
C ILE C 263 -36.11 22.89 18.93
N GLU C 264 -36.18 23.73 17.89
CA GLU C 264 -37.22 24.80 17.82
C GLU C 264 -38.57 24.20 17.93
N GLN C 265 -38.74 23.07 17.26
CA GLN C 265 -40.01 22.35 17.24
C GLN C 265 -40.35 21.78 18.60
N GLU C 266 -39.35 21.34 19.37
CA GLU C 266 -39.62 20.88 20.75
C GLU C 266 -39.98 22.07 21.61
N LEU C 267 -39.23 23.15 21.44
CA LEU C 267 -39.45 24.37 22.19
C LEU C 267 -40.88 24.87 22.01
N GLU C 268 -41.33 24.97 20.75
CA GLU C 268 -42.67 25.48 20.49
C GLU C 268 -43.74 24.59 21.12
N GLU C 269 -43.41 23.31 21.24
CA GLU C 269 -44.29 22.30 21.84
C GLU C 269 -44.37 22.55 23.37
N ARG C 270 -43.21 22.52 24.03
CA ARG C 270 -43.10 22.71 25.50
C ARG C 270 -43.70 24.02 25.94
N LEU C 271 -43.39 25.09 25.19
CA LEU C 271 -43.91 26.40 25.48
C LEU C 271 -45.44 26.40 25.48
N ALA C 272 -46.07 25.68 24.52
CA ALA C 272 -47.56 25.61 24.46
C ALA C 272 -48.10 24.84 25.65
N GLU C 273 -47.42 23.75 25.97
CA GLU C 273 -47.76 22.91 27.10
C GLU C 273 -47.72 23.67 28.41
N LEU C 274 -46.59 24.38 28.65
CA LEU C 274 -46.39 25.21 29.85
C LEU C 274 -47.37 26.35 29.93
N ARG C 275 -47.44 27.07 28.83
CA ARG C 275 -48.25 28.25 28.72
C ARG C 275 -49.72 27.87 28.88
N ALA C 276 -50.07 26.68 28.39
CA ALA C 276 -51.44 26.19 28.46
C ALA C 276 -51.78 25.59 29.83
N GLN C 277 -50.80 25.41 30.69
CA GLN C 277 -51.09 24.94 32.04
C GLN C 277 -50.91 26.10 33.02
N GLY C 278 -50.79 27.31 32.48
CA GLY C 278 -50.67 28.50 33.31
C GLY C 278 -49.25 28.91 33.66
N LYS C 279 -48.28 28.02 33.45
CA LYS C 279 -46.86 28.32 33.79
C LYS C 279 -46.18 29.33 32.81
N LEU C 280 -46.79 30.52 32.70
CA LEU C 280 -46.32 31.59 31.77
C LEU C 280 -44.91 32.01 32.08
N LEU C 281 -44.63 32.21 33.36
CA LEU C 281 -43.28 32.56 33.85
C LEU C 281 -42.27 31.59 33.31
N GLU C 282 -42.51 30.29 33.58
CA GLU C 282 -41.57 29.20 33.22
C GLU C 282 -41.38 29.05 31.69
N ALA C 283 -42.40 29.45 30.93
CA ALA C 283 -42.31 29.44 29.48
C ALA C 283 -41.41 30.58 28.99
N GLN C 284 -41.46 31.75 29.66
CA GLN C 284 -40.58 32.92 29.33
C GLN C 284 -39.11 32.54 29.57
N ARG C 285 -38.84 31.92 30.73
CA ARG C 285 -37.51 31.49 31.04
C ARG C 285 -37.02 30.58 29.92
N LEU C 286 -37.83 29.59 29.55
CA LEU C 286 -37.46 28.61 28.53
C LEU C 286 -37.26 29.21 27.15
N GLU C 287 -38.20 30.06 26.72
CA GLU C 287 -38.11 30.64 25.39
C GLU C 287 -36.84 31.46 25.27
N GLN C 288 -36.56 32.29 26.27
CA GLN C 288 -35.37 33.14 26.24
C GLN C 288 -34.08 32.38 26.23
N ARG C 289 -33.96 31.33 27.04
CA ARG C 289 -32.69 30.57 27.14
C ARG C 289 -32.43 29.75 25.92
N THR C 290 -33.48 29.13 25.40
CA THR C 290 -33.36 28.22 24.27
C THR C 290 -33.16 28.94 22.95
N ARG C 291 -33.86 30.07 22.77
CA ARG C 291 -33.70 30.91 21.55
C ARG C 291 -32.32 31.50 21.51
N TYR C 292 -31.81 31.91 22.66
CA TYR C 292 -30.47 32.46 22.74
C TYR C 292 -29.43 31.42 22.38
N ASP C 293 -29.66 30.19 22.81
CA ASP C 293 -28.77 29.10 22.47
C ASP C 293 -28.94 28.77 21.02
N LEU C 294 -30.19 28.68 20.57
CA LEU C 294 -30.48 28.29 19.20
C LEU C 294 -29.81 29.24 18.23
N GLU C 295 -29.79 30.54 18.58
CA GLU C 295 -29.10 31.54 17.77
C GLU C 295 -27.60 31.29 17.81
N MET C 296 -27.06 31.25 19.00
CA MET C 296 -25.66 30.93 19.21
C MET C 296 -25.21 29.79 18.31
N MET C 297 -25.98 28.72 18.26
CA MET C 297 -25.64 27.55 17.43
C MET C 297 -25.62 27.89 15.96
N ARG C 298 -26.72 28.48 15.48
CA ARG C 298 -26.82 28.92 14.07
C ARG C 298 -25.62 29.83 13.67
N GLU C 299 -25.35 30.84 14.47
CA GLU C 299 -24.21 31.77 14.26
C GLU C 299 -22.90 31.05 14.21
N MET C 300 -22.49 30.48 15.32
CA MET C 300 -21.15 29.95 15.46
C MET C 300 -21.06 28.43 15.82
N GLY C 301 -21.85 27.62 15.10
CA GLY C 301 -21.77 26.13 15.20
C GLY C 301 -22.03 25.42 16.52
N PHE C 302 -21.74 26.08 17.66
CA PHE C 302 -21.95 25.54 19.03
C PHE C 302 -22.48 26.64 19.96
N CYS C 303 -22.51 26.36 21.26
CA CYS C 303 -22.96 27.36 22.30
C CYS C 303 -22.64 26.77 23.66
N SER C 304 -22.72 27.57 24.73
CA SER C 304 -22.36 27.04 26.06
C SER C 304 -23.50 26.21 26.58
N GLY C 305 -23.16 25.18 27.36
CA GLY C 305 -24.17 24.26 27.84
C GLY C 305 -24.78 23.49 26.70
N ILE C 306 -23.97 23.26 25.66
CA ILE C 306 -24.41 22.61 24.42
C ILE C 306 -24.87 21.17 24.70
N GLU C 307 -24.26 20.59 25.74
CA GLU C 307 -24.58 19.24 26.23
C GLU C 307 -26.05 18.96 26.26
N ASN C 308 -26.80 19.91 26.81
CA ASN C 308 -28.24 19.73 27.01
C ASN C 308 -28.99 19.38 25.73
N TYR C 309 -28.42 19.76 24.59
CA TYR C 309 -29.04 19.47 23.31
C TYR C 309 -28.39 18.26 22.62
N SER C 310 -27.55 17.53 23.34
CA SER C 310 -26.74 16.45 22.74
C SER C 310 -27.54 15.48 21.87
N ARG C 311 -28.66 14.98 22.42
CA ARG C 311 -29.50 13.99 21.71
C ARG C 311 -30.07 14.52 20.41
N HIS C 312 -30.59 15.76 20.44
CA HIS C 312 -31.14 16.41 19.23
C HIS C 312 -30.10 16.51 18.18
N LEU C 313 -28.89 16.80 18.61
CA LEU C 313 -27.75 16.91 17.71
C LEU C 313 -27.39 15.53 17.12
N ALA C 314 -27.41 14.48 17.94
CA ALA C 314 -27.19 13.13 17.45
C ALA C 314 -28.43 12.55 16.73
N LEU C 315 -29.49 13.34 16.64
CA LEU C 315 -30.70 12.93 15.92
C LEU C 315 -31.10 11.51 16.24
N ARG C 316 -31.19 11.23 17.52
CA ARG C 316 -31.68 9.93 18.00
C ARG C 316 -33.01 10.23 18.67
N PRO C 317 -33.96 9.31 18.58
CA PRO C 317 -35.30 9.58 19.13
C PRO C 317 -35.32 9.73 20.65
N PRO C 318 -36.31 10.45 21.20
CA PRO C 318 -36.42 10.64 22.64
C PRO C 318 -36.40 9.32 23.43
N GLY C 319 -35.59 9.27 24.50
CA GLY C 319 -35.45 8.09 25.34
C GLY C 319 -34.20 7.27 25.03
N SER C 320 -33.47 7.64 24.00
CA SER C 320 -32.28 6.91 23.62
C SER C 320 -31.28 6.75 24.77
N THR C 321 -30.54 5.65 24.77
CA THR C 321 -29.50 5.38 25.77
C THR C 321 -28.20 5.96 25.24
N PRO C 322 -27.61 6.87 25.98
CA PRO C 322 -26.36 7.52 25.56
C PRO C 322 -25.30 6.58 25.08
N TYR C 323 -24.43 7.02 24.16
CA TYR C 323 -23.22 6.23 23.83
C TYR C 323 -22.22 6.54 24.93
N THR C 324 -21.41 5.57 25.28
CA THR C 324 -20.46 5.75 26.36
C THR C 324 -19.13 5.16 26.01
N LEU C 325 -18.13 5.35 26.86
CA LEU C 325 -16.83 4.78 26.61
C LEU C 325 -16.90 3.24 26.38
N LEU C 326 -17.88 2.57 27.00
CA LEU C 326 -18.07 1.12 26.80
C LEU C 326 -18.28 0.80 25.33
N ASP C 327 -18.95 1.73 24.61
CA ASP C 327 -19.29 1.54 23.18
C ASP C 327 -18.10 1.73 22.24
N TYR C 328 -17.06 2.40 22.72
CA TYR C 328 -15.81 2.58 21.98
C TYR C 328 -14.90 1.31 22.05
N PHE C 329 -15.38 0.28 22.73
CA PHE C 329 -14.68 -0.99 22.88
C PHE C 329 -15.23 -2.03 21.92
N PRO C 330 -14.38 -2.97 21.45
CA PRO C 330 -14.83 -4.17 20.75
C PRO C 330 -15.92 -4.92 21.52
N ASP C 331 -16.67 -5.78 20.84
CA ASP C 331 -17.72 -6.57 21.52
C ASP C 331 -17.12 -7.63 22.49
N ASP C 332 -15.87 -8.04 22.24
CA ASP C 332 -15.19 -9.04 23.10
C ASP C 332 -14.28 -8.37 24.19
N PHE C 333 -14.63 -7.16 24.63
CA PHE C 333 -13.84 -6.44 25.68
C PHE C 333 -14.08 -7.00 27.09
N LEU C 334 -13.13 -6.73 27.97
CA LEU C 334 -13.22 -7.21 29.35
C LEU C 334 -13.52 -6.04 30.26
N ILE C 335 -14.32 -6.29 31.30
CA ILE C 335 -14.59 -5.30 32.36
C ILE C 335 -14.11 -5.87 33.70
N ILE C 336 -13.30 -5.06 34.39
CA ILE C 336 -12.82 -5.38 35.72
C ILE C 336 -13.27 -4.24 36.63
N VAL C 337 -14.29 -4.51 37.44
CA VAL C 337 -14.78 -3.53 38.41
C VAL C 337 -14.01 -3.73 39.72
N ASP C 338 -13.04 -2.87 39.98
CA ASP C 338 -12.22 -2.95 41.18
C ASP C 338 -12.97 -2.40 42.43
N GLU C 339 -12.89 -3.14 43.54
CA GLU C 339 -13.64 -2.82 44.80
C GLU C 339 -15.12 -2.83 44.49
N SER C 340 -15.57 -3.91 43.88
CA SER C 340 -16.92 -3.97 43.34
C SER C 340 -18.04 -3.58 44.35
N HIS C 341 -17.90 -4.03 45.59
CA HIS C 341 -18.91 -3.74 46.63
C HIS C 341 -19.15 -2.22 46.88
N VAL C 342 -18.16 -1.39 46.57
CA VAL C 342 -18.33 0.07 46.65
C VAL C 342 -18.49 0.69 45.25
N THR C 343 -17.89 0.10 44.22
CA THR C 343 -17.96 0.70 42.87
C THR C 343 -19.30 0.45 42.16
N LEU C 344 -19.75 -0.79 42.10
CA LEU C 344 -21.05 -1.09 41.46
C LEU C 344 -22.22 -0.19 41.90
N PRO C 345 -22.33 0.11 43.21
CA PRO C 345 -23.41 0.97 43.64
C PRO C 345 -23.25 2.38 43.20
N GLN C 346 -22.02 2.91 43.32
CA GLN C 346 -21.71 4.27 42.88
C GLN C 346 -22.14 4.44 41.43
N LEU C 347 -21.67 3.52 40.61
CA LEU C 347 -21.98 3.47 39.21
C LEU C 347 -23.49 3.37 38.99
N ARG C 348 -24.18 2.65 39.87
CA ARG C 348 -25.66 2.52 39.82
C ARG C 348 -26.38 3.85 40.13
N GLY C 349 -25.98 4.49 41.22
CA GLY C 349 -26.64 5.71 41.69
C GLY C 349 -26.58 6.91 40.77
N MET C 350 -25.46 7.07 40.06
CA MET C 350 -25.22 8.25 39.19
C MET C 350 -26.47 8.76 38.48
N TYR C 351 -27.09 7.89 37.69
CA TYR C 351 -28.24 8.30 36.90
C TYR C 351 -29.32 8.95 37.72
N ASN C 352 -29.67 8.35 38.84
CA ASN C 352 -30.79 8.88 39.62
C ASN C 352 -30.53 10.26 40.18
N GLY C 353 -29.26 10.59 40.40
CA GLY C 353 -28.89 11.93 40.88
C GLY C 353 -28.95 13.02 39.80
N ASP C 354 -28.40 12.70 38.64
CA ASP C 354 -28.48 13.57 37.51
C ASP C 354 -29.97 13.93 37.22
N ARG C 355 -30.80 12.91 36.99
CA ARG C 355 -32.21 13.10 36.60
C ARG C 355 -32.94 13.99 37.55
N ALA C 356 -32.72 13.79 38.84
CA ALA C 356 -33.37 14.58 39.87
C ALA C 356 -33.08 16.10 39.74
N ARG C 357 -31.84 16.46 39.34
CA ARG C 357 -31.48 17.86 39.15
C ARG C 357 -32.01 18.35 37.83
N LYS C 358 -31.72 17.61 36.75
CA LYS C 358 -32.24 17.97 35.42
C LYS C 358 -33.75 18.20 35.45
N GLN C 359 -34.48 17.32 36.13
CA GLN C 359 -35.94 17.43 36.20
C GLN C 359 -36.45 18.76 36.79
N VAL C 360 -35.75 19.28 37.79
CA VAL C 360 -36.12 20.57 38.40
C VAL C 360 -35.90 21.69 37.35
N LEU C 361 -34.76 21.62 36.63
CA LEU C 361 -34.47 22.57 35.53
C LEU C 361 -35.53 22.48 34.48
N VAL C 362 -35.92 21.26 34.13
CA VAL C 362 -36.97 21.01 33.13
C VAL C 362 -38.30 21.50 33.62
N ASP C 363 -38.57 21.25 34.88
CA ASP C 363 -39.85 21.64 35.46
C ASP C 363 -40.04 23.13 35.52
N HIS C 364 -38.95 23.91 35.60
CA HIS C 364 -39.09 25.37 35.76
C HIS C 364 -38.78 26.21 34.52
N GLY C 365 -38.33 25.61 33.44
CA GLY C 365 -38.10 26.36 32.21
C GLY C 365 -36.64 26.59 31.90
N PHE C 366 -35.77 26.14 32.78
CA PHE C 366 -34.34 26.26 32.54
C PHE C 366 -33.92 25.37 31.38
N ARG C 367 -34.67 24.28 31.15
CA ARG C 367 -34.32 23.33 30.11
C ARG C 367 -35.52 22.66 29.46
N LEU C 368 -35.23 22.07 28.29
CA LEU C 368 -36.21 21.31 27.56
C LEU C 368 -36.23 19.91 28.13
N PRO C 369 -37.36 19.22 27.99
CA PRO C 369 -37.47 17.85 28.44
C PRO C 369 -36.37 16.96 27.87
N SER C 370 -35.96 17.23 26.62
CA SER C 370 -34.86 16.48 25.96
C SER C 370 -33.49 16.55 26.70
N ALA C 371 -33.33 17.54 27.59
CA ALA C 371 -32.10 17.67 28.40
C ALA C 371 -31.92 16.43 29.27
N LEU C 372 -33.05 15.75 29.52
CA LEU C 372 -33.05 14.53 30.25
C LEU C 372 -32.34 13.41 29.48
N ASP C 373 -32.41 13.42 28.16
CA ASP C 373 -31.73 12.38 27.38
C ASP C 373 -30.21 12.59 27.28
N ASN C 374 -29.69 13.63 27.95
CA ASN C 374 -28.23 13.86 28.09
C ASN C 374 -27.90 13.47 29.49
N ARG C 375 -27.32 12.29 29.66
CA ARG C 375 -27.21 11.69 30.98
C ARG C 375 -26.27 10.51 31.01
N PRO C 376 -26.01 9.97 32.23
CA PRO C 376 -25.30 8.72 32.36
C PRO C 376 -26.26 7.51 32.27
N LEU C 377 -25.70 6.32 32.06
CA LEU C 377 -26.51 5.10 31.93
C LEU C 377 -27.22 4.72 33.23
N THR C 378 -28.31 3.95 33.09
CA THR C 378 -28.97 3.32 34.24
C THR C 378 -28.19 2.05 34.44
N PHE C 379 -28.25 1.47 35.65
CA PHE C 379 -27.45 0.25 35.92
C PHE C 379 -27.89 -0.92 35.01
N GLU C 380 -29.16 -0.87 34.58
CA GLU C 380 -29.74 -1.81 33.65
C GLU C 380 -29.02 -1.66 32.35
N GLU C 381 -28.94 -0.44 31.88
CA GLU C 381 -28.24 -0.15 30.65
C GLU C 381 -26.76 -0.49 30.76
N PHE C 382 -26.18 -0.28 31.93
CA PHE C 382 -24.75 -0.60 32.13
C PHE C 382 -24.51 -2.10 32.02
N GLU C 383 -25.31 -2.90 32.73
CA GLU C 383 -25.16 -4.35 32.70
C GLU C 383 -25.47 -4.86 31.34
N GLN C 384 -26.38 -4.18 30.65
CA GLN C 384 -26.78 -4.56 29.31
C GLN C 384 -25.67 -4.37 28.25
N LYS C 385 -24.68 -3.52 28.52
CA LYS C 385 -23.55 -3.30 27.58
C LYS C 385 -22.34 -4.16 27.91
N ILE C 386 -22.39 -4.86 29.05
CA ILE C 386 -21.29 -5.69 29.51
C ILE C 386 -21.09 -6.87 28.61
N ASN C 387 -19.83 -7.11 28.29
CA ASN C 387 -19.45 -8.31 27.58
C ASN C 387 -19.17 -9.40 28.64
N GLN C 388 -17.97 -9.39 29.22
CA GLN C 388 -17.61 -10.31 30.31
C GLN C 388 -16.95 -9.51 31.38
N ILE C 389 -17.53 -9.58 32.57
CA ILE C 389 -17.11 -8.74 33.66
C ILE C 389 -16.52 -9.58 34.78
N ILE C 390 -15.56 -8.99 35.50
CA ILE C 390 -14.94 -9.62 36.66
C ILE C 390 -14.94 -8.65 37.84
N TYR C 391 -15.75 -8.98 38.84
CA TYR C 391 -15.86 -8.20 40.06
C TYR C 391 -14.73 -8.62 40.98
N VAL C 392 -13.88 -7.68 41.35
CA VAL C 392 -12.76 -7.93 42.25
C VAL C 392 -13.11 -7.33 43.62
N SER C 393 -13.17 -8.16 44.67
CA SER C 393 -13.49 -7.64 46.01
C SER C 393 -13.16 -8.57 47.17
N ALA C 394 -12.66 -8.01 48.26
CA ALA C 394 -12.46 -8.75 49.49
C ALA C 394 -13.81 -9.05 50.14
N THR C 395 -14.78 -8.16 49.90
CA THR C 395 -16.12 -8.26 50.46
C THR C 395 -17.17 -8.18 49.35
N PRO C 396 -17.12 -9.09 48.36
CA PRO C 396 -18.02 -8.97 47.22
C PRO C 396 -19.45 -8.77 47.64
N GLY C 397 -20.08 -7.72 47.12
CA GLY C 397 -21.42 -7.34 47.50
C GLY C 397 -22.47 -8.29 46.96
N PRO C 398 -23.75 -8.03 47.28
CA PRO C 398 -24.85 -8.92 46.90
C PRO C 398 -24.97 -9.12 45.41
N TYR C 399 -25.07 -8.04 44.67
CA TYR C 399 -25.22 -8.14 43.21
C TYR C 399 -24.22 -9.15 42.60
N GLU C 400 -22.95 -9.02 42.96
CA GLU C 400 -21.85 -9.81 42.39
C GLU C 400 -22.07 -11.29 42.55
N LEU C 401 -22.51 -11.67 43.74
CA LEU C 401 -22.71 -13.07 44.10
C LEU C 401 -23.94 -13.60 43.45
N GLU C 402 -25.02 -12.81 43.52
CA GLU C 402 -26.29 -13.18 42.92
C GLU C 402 -26.17 -13.56 41.45
N HIS C 403 -25.38 -12.81 40.69
CA HIS C 403 -25.19 -13.11 39.25
C HIS C 403 -23.84 -13.76 38.98
N SER C 404 -23.39 -14.69 39.82
CA SER C 404 -22.07 -15.32 39.59
C SER C 404 -22.04 -16.84 39.99
N PRO C 405 -21.25 -17.66 39.26
CA PRO C 405 -21.13 -19.09 39.61
C PRO C 405 -20.19 -19.24 40.78
N GLY C 406 -20.70 -19.01 41.98
CA GLY C 406 -19.87 -19.01 43.15
C GLY C 406 -18.90 -17.86 43.00
N VAL C 407 -17.67 -18.08 43.45
CA VAL C 407 -16.62 -17.06 43.36
C VAL C 407 -15.31 -17.70 43.00
N VAL C 408 -14.24 -16.94 43.04
CA VAL C 408 -12.90 -17.47 42.87
C VAL C 408 -12.09 -16.95 44.06
N GLU C 409 -11.92 -17.79 45.08
CA GLU C 409 -11.22 -17.37 46.29
C GLU C 409 -9.75 -17.20 46.03
N GLN C 410 -9.18 -16.20 46.69
CA GLN C 410 -7.76 -15.95 46.62
C GLN C 410 -7.27 -15.51 48.03
N ILE C 411 -7.25 -16.48 48.94
CA ILE C 411 -6.95 -16.22 50.32
C ILE C 411 -5.45 -16.23 50.62
N ILE C 412 -4.72 -17.21 50.07
CA ILE C 412 -3.31 -17.40 50.40
C ILE C 412 -2.43 -16.25 49.90
N ARG C 413 -1.74 -15.63 50.84
CA ARG C 413 -0.86 -14.53 50.56
C ARG C 413 0.55 -14.99 50.27
N PRO C 414 1.18 -14.42 49.23
CA PRO C 414 2.59 -14.63 48.98
C PRO C 414 3.48 -14.57 50.23
N THR C 415 3.14 -13.71 51.19
CA THR C 415 3.94 -13.60 52.44
C THR C 415 3.71 -14.75 53.38
N GLY C 416 2.61 -15.47 53.17
CA GLY C 416 2.22 -16.54 54.04
C GLY C 416 1.54 -16.02 55.28
N LEU C 417 1.26 -14.71 55.31
CA LEU C 417 0.58 -14.04 56.43
C LEU C 417 -0.84 -14.52 56.58
N LEU C 418 -1.34 -14.50 57.83
CA LEU C 418 -2.67 -15.01 58.09
C LEU C 418 -3.64 -13.91 58.50
N ASP C 419 -4.92 -14.15 58.22
CA ASP C 419 -5.95 -13.29 58.73
C ASP C 419 -5.82 -13.38 60.26
N PRO C 420 -6.08 -12.26 60.96
CA PRO C 420 -5.75 -12.24 62.36
C PRO C 420 -6.64 -13.10 63.15
N THR C 421 -6.30 -13.21 64.42
CA THR C 421 -7.09 -13.93 65.37
C THR C 421 -7.93 -12.86 66.07
N ILE C 422 -9.23 -13.13 66.24
CA ILE C 422 -10.15 -12.16 66.85
C ILE C 422 -10.58 -12.62 68.24
N ASP C 423 -10.62 -11.65 69.16
CA ASP C 423 -11.10 -11.87 70.53
C ASP C 423 -12.24 -10.92 70.81
N VAL C 424 -13.32 -11.45 71.34
CA VAL C 424 -14.46 -10.64 71.67
C VAL C 424 -14.55 -10.49 73.25
N ARG C 425 -14.43 -9.24 73.70
CA ARG C 425 -14.35 -8.93 75.14
C ARG C 425 -15.44 -7.94 75.58
N PRO C 426 -15.84 -7.99 76.87
CA PRO C 426 -16.85 -7.10 77.42
C PRO C 426 -16.55 -5.62 77.27
N THR C 427 -17.60 -4.81 77.12
CA THR C 427 -17.46 -3.36 77.12
C THR C 427 -17.22 -2.90 78.55
N LYS C 428 -17.62 -3.77 79.50
CA LYS C 428 -17.40 -3.62 80.96
C LYS C 428 -15.96 -3.12 81.24
N GLY C 429 -15.78 -1.78 81.32
CA GLY C 429 -14.43 -1.20 81.53
C GLY C 429 -13.43 -1.58 80.44
N GLN C 430 -13.92 -1.60 79.20
CA GLN C 430 -13.11 -1.88 78.02
C GLN C 430 -11.96 -0.86 77.84
N ILE C 431 -12.22 0.43 78.11
CA ILE C 431 -11.25 1.50 77.84
C ILE C 431 -10.04 1.35 78.72
N ASP C 432 -10.23 0.67 79.86
CA ASP C 432 -9.14 0.34 80.79
C ASP C 432 -8.30 -0.84 80.24
N ASP C 433 -9.01 -1.91 79.83
CA ASP C 433 -8.42 -3.12 79.21
C ASP C 433 -7.61 -2.77 77.94
N LEU C 434 -8.24 -2.00 77.06
CA LEU C 434 -7.61 -1.54 75.80
C LEU C 434 -6.28 -0.84 76.06
N ILE C 435 -6.21 -0.08 77.16
CA ILE C 435 -4.97 0.60 77.53
C ILE C 435 -3.94 -0.42 78.02
N GLY C 436 -4.42 -1.54 78.56
CA GLY C 436 -3.54 -2.62 78.96
C GLY C 436 -2.81 -3.22 77.76
N GLU C 437 -3.58 -3.67 76.77
CA GLU C 437 -3.04 -4.30 75.53
C GLU C 437 -2.07 -3.38 74.74
N ILE C 438 -2.40 -2.09 74.67
CA ILE C 438 -1.58 -1.11 73.97
C ILE C 438 -0.19 -0.91 74.62
N ARG C 439 -0.09 -1.11 75.93
CA ARG C 439 1.22 -1.03 76.57
C ARG C 439 2.10 -2.09 75.94
N GLU C 440 1.59 -3.32 75.94
CA GLU C 440 2.29 -4.49 75.41
C GLU C 440 2.68 -4.37 73.98
N ARG C 441 1.86 -3.68 73.21
CA ARG C 441 2.21 -3.39 71.82
C ARG C 441 3.34 -2.39 71.71
N VAL C 442 3.34 -1.34 72.53
CA VAL C 442 4.44 -0.37 72.53
C VAL C 442 5.75 -1.09 72.94
N GLU C 443 5.65 -1.88 74.00
CA GLU C 443 6.76 -2.70 74.47
C GLU C 443 7.44 -3.54 73.38
N ARG C 444 6.66 -4.15 72.50
CA ARG C 444 7.20 -4.98 71.45
C ARG C 444 7.23 -4.21 70.14
N ASN C 445 7.42 -2.89 70.27
CA ASN C 445 7.48 -1.99 69.13
C ASN C 445 6.39 -2.24 68.07
N GLU C 446 5.13 -2.08 68.47
CA GLU C 446 3.98 -2.33 67.61
C GLU C 446 2.81 -1.28 67.77
N ARG C 447 2.06 -1.11 66.69
CA ARG C 447 1.04 -0.10 66.60
C ARG C 447 -0.33 -0.67 66.71
N THR C 448 -1.26 0.20 67.11
CA THR C 448 -2.64 -0.19 67.29
C THR C 448 -3.57 0.81 66.64
N LEU C 449 -4.60 0.31 65.99
CA LEU C 449 -5.63 1.16 65.44
C LEU C 449 -6.89 0.90 66.22
N VAL C 450 -7.64 1.95 66.53
CA VAL C 450 -8.93 1.78 67.21
C VAL C 450 -10.02 2.52 66.47
N THR C 451 -11.13 1.83 66.24
CA THR C 451 -12.30 2.44 65.65
C THR C 451 -13.34 2.50 66.70
N THR C 452 -14.07 3.59 66.71
CA THR C 452 -15.15 3.79 67.63
C THR C 452 -16.27 4.34 66.81
N LEU C 453 -17.47 4.04 67.24
CA LEU C 453 -18.65 4.29 66.44
C LEU C 453 -18.97 5.79 66.20
N THR C 454 -18.49 6.71 67.06
CA THR C 454 -18.87 8.17 66.98
C THR C 454 -17.75 9.16 67.28
N LYS C 455 -17.86 10.33 66.63
CA LYS C 455 -16.78 11.36 66.61
C LYS C 455 -16.39 11.92 67.97
N LYS C 456 -17.33 12.04 68.90
CA LYS C 456 -16.99 12.53 70.24
C LYS C 456 -16.58 11.37 71.10
N MET C 457 -17.01 10.15 70.74
CA MET C 457 -16.58 8.94 71.47
C MET C 457 -15.05 8.79 71.28
N ALA C 458 -14.59 9.05 70.05
CA ALA C 458 -13.16 9.01 69.69
C ALA C 458 -12.35 10.09 70.40
N GLU C 459 -12.87 11.31 70.39
CA GLU C 459 -12.26 12.44 71.09
C GLU C 459 -12.15 12.11 72.58
N ASP C 460 -13.18 11.47 73.10
CA ASP C 460 -13.23 11.06 74.50
C ASP C 460 -12.31 9.85 74.78
N LEU C 461 -11.68 9.30 73.73
CA LEU C 461 -10.69 8.21 73.87
C LEU C 461 -9.28 8.78 73.74
N THR C 462 -9.06 9.56 72.68
CA THR C 462 -7.76 10.16 72.40
C THR C 462 -7.18 10.80 73.66
N ASP C 463 -7.99 11.62 74.33
CA ASP C 463 -7.59 12.24 75.59
C ASP C 463 -7.37 11.14 76.66
N TYR C 464 -8.34 10.20 76.74
CA TYR C 464 -8.32 9.12 77.75
C TYR C 464 -7.06 8.24 77.66
N LEU C 465 -6.52 8.11 76.45
CA LEU C 465 -5.26 7.39 76.23
C LEU C 465 -4.08 8.32 76.59
N LYS C 466 -4.21 9.62 76.26
CA LYS C 466 -3.20 10.62 76.70
C LYS C 466 -3.11 10.65 78.21
N GLU C 467 -4.26 10.44 78.87
CA GLU C 467 -4.34 10.33 80.32
C GLU C 467 -3.28 9.35 80.82
N ALA C 468 -3.25 8.17 80.19
CA ALA C 468 -2.27 7.11 80.56
C ALA C 468 -0.88 7.31 79.89
N GLY C 469 -0.62 8.52 79.37
CA GLY C 469 0.66 8.83 78.71
C GLY C 469 0.96 7.89 77.57
N ILE C 470 0.18 8.01 76.49
CA ILE C 470 0.35 7.15 75.31
C ILE C 470 0.26 7.95 74.02
N LYS C 471 1.38 7.96 73.30
CA LYS C 471 1.49 8.66 72.02
C LYS C 471 0.34 8.26 71.10
N VAL C 472 -0.64 9.16 70.95
CA VAL C 472 -1.88 8.86 70.20
C VAL C 472 -2.23 9.92 69.11
N ALA C 473 -2.89 9.47 68.04
CA ALA C 473 -3.33 10.34 66.94
C ALA C 473 -4.87 10.28 66.83
N TYR C 474 -5.43 10.93 65.82
CA TYR C 474 -6.87 11.02 65.68
C TYR C 474 -7.21 11.42 64.26
N LEU C 475 -8.19 10.76 63.63
CA LEU C 475 -8.60 11.11 62.24
C LEU C 475 -10.06 11.62 62.12
N HIS C 476 -10.22 12.94 61.98
CA HIS C 476 -11.54 13.56 61.74
C HIS C 476 -12.09 12.99 60.44
N GLU C 483 -1.06 16.63 53.77
CA GLU C 483 -0.62 16.67 55.16
C GLU C 483 -1.01 15.41 55.92
N ARG C 484 -2.28 15.00 55.80
CA ARG C 484 -2.84 13.81 56.55
C ARG C 484 -2.06 12.50 56.29
N ILE C 485 -1.54 12.36 55.06
CA ILE C 485 -0.69 11.23 54.67
C ILE C 485 0.59 11.20 55.52
N GLU C 486 0.94 12.36 56.10
CA GLU C 486 2.13 12.47 56.95
C GLU C 486 1.89 12.03 58.42
N ILE C 487 0.64 12.15 58.91
CA ILE C 487 0.31 11.73 60.30
C ILE C 487 0.41 10.18 60.42
N ILE C 488 -0.11 9.50 59.39
CA ILE C 488 0.03 8.03 59.23
C ILE C 488 1.50 7.62 58.98
N ARG C 489 2.20 8.44 58.21
CA ARG C 489 3.63 8.23 57.96
C ARG C 489 4.39 8.35 59.29
N ASP C 490 3.95 9.28 60.14
CA ASP C 490 4.55 9.47 61.46
C ASP C 490 4.25 8.25 62.37
N LEU C 491 3.06 7.68 62.22
CA LEU C 491 2.68 6.45 62.96
C LEU C 491 3.69 5.33 62.70
N ARG C 492 3.86 4.98 61.41
CA ARG C 492 4.80 3.91 61.00
C ARG C 492 6.18 4.16 61.56
N LEU C 493 6.59 5.43 61.56
CA LEU C 493 7.91 5.81 62.06
C LEU C 493 7.99 5.72 63.61
N GLY C 494 6.85 5.87 64.29
CA GLY C 494 6.80 5.68 65.74
C GLY C 494 6.49 6.91 66.59
N LYS C 495 6.18 8.04 65.94
CA LYS C 495 5.80 9.26 66.69
C LYS C 495 4.61 8.92 67.57
N TYR C 496 3.60 8.26 66.96
CA TYR C 496 2.40 7.81 67.69
C TYR C 496 2.43 6.28 67.79
N ASP C 497 1.96 5.76 68.93
CA ASP C 497 1.87 4.32 69.14
C ASP C 497 0.49 3.81 68.80
N VAL C 498 -0.52 4.66 68.97
CA VAL C 498 -1.92 4.31 68.65
C VAL C 498 -2.49 5.38 67.76
N LEU C 499 -3.47 5.02 66.97
CA LEU C 499 -4.11 5.93 66.09
C LEU C 499 -5.58 5.70 66.22
N VAL C 500 -6.28 6.68 66.79
CA VAL C 500 -7.72 6.59 66.97
C VAL C 500 -8.40 7.11 65.73
N GLY C 501 -9.49 6.47 65.36
CA GLY C 501 -10.25 6.88 64.19
C GLY C 501 -11.73 6.54 64.36
N ILE C 502 -12.39 6.31 63.25
CA ILE C 502 -13.80 6.00 63.27
C ILE C 502 -14.14 5.17 62.06
N ASN C 503 -13.69 5.61 60.89
CA ASN C 503 -13.74 4.81 59.70
C ASN C 503 -12.30 4.54 59.29
N LEU C 504 -11.75 3.47 59.85
CA LEU C 504 -10.39 3.04 59.52
C LEU C 504 -10.34 2.44 58.12
N LEU C 505 -11.51 2.36 57.50
CA LEU C 505 -11.68 1.80 56.18
C LEU C 505 -11.09 2.71 55.08
N ARG C 506 -10.86 3.99 55.39
CA ARG C 506 -10.28 4.93 54.42
C ARG C 506 -8.89 4.46 54.02
N GLU C 507 -8.52 4.67 52.77
CA GLU C 507 -7.22 4.22 52.28
C GLU C 507 -6.04 4.96 52.92
N GLY C 508 -4.94 4.22 53.10
CA GLY C 508 -3.74 4.73 53.75
C GLY C 508 -3.44 4.04 55.07
N LEU C 509 -4.32 3.11 55.49
CA LEU C 509 -4.19 2.45 56.81
C LEU C 509 -3.72 0.98 56.78
N ASP C 510 -2.97 0.58 55.74
CA ASP C 510 -2.32 -0.76 55.70
C ASP C 510 -0.94 -0.65 56.26
N ILE C 511 -0.84 -0.23 57.49
CA ILE C 511 0.44 -0.08 58.12
C ILE C 511 0.91 -1.49 58.49
N PRO C 512 2.12 -1.91 58.04
CA PRO C 512 2.58 -3.22 58.42
C PRO C 512 3.03 -3.22 59.87
N GLU C 513 3.29 -2.03 60.43
CA GLU C 513 3.62 -1.90 61.85
C GLU C 513 2.39 -2.15 62.80
N VAL C 514 1.16 -2.18 62.26
CA VAL C 514 -0.07 -2.34 63.08
C VAL C 514 -0.33 -3.79 63.44
N SER C 515 -0.08 -4.10 64.72
CA SER C 515 -0.22 -5.44 65.28
C SER C 515 -1.56 -5.67 65.96
N LEU C 516 -2.24 -4.57 66.29
CA LEU C 516 -3.53 -4.64 66.97
C LEU C 516 -4.54 -3.72 66.33
N VAL C 517 -5.73 -4.25 66.13
CA VAL C 517 -6.86 -3.46 65.66
C VAL C 517 -8.00 -3.69 66.65
N ALA C 518 -8.40 -2.63 67.36
CA ALA C 518 -9.47 -2.73 68.38
C ALA C 518 -10.79 -2.06 67.90
N ILE C 519 -11.83 -2.88 67.81
CA ILE C 519 -13.11 -2.44 67.35
C ILE C 519 -14.03 -2.24 68.56
N LEU C 520 -14.28 -0.97 68.90
CA LEU C 520 -15.20 -0.61 69.98
C LEU C 520 -16.64 -0.54 69.44
N ASP C 521 -17.60 -1.01 70.22
CA ASP C 521 -19.01 -1.09 69.78
C ASP C 521 -19.18 -2.05 68.60
N ALA C 522 -18.51 -3.20 68.69
CA ALA C 522 -18.60 -4.25 67.67
C ALA C 522 -20.05 -4.66 67.42
N ASP C 523 -20.83 -4.67 68.50
CA ASP C 523 -22.24 -5.10 68.47
C ASP C 523 -23.23 -3.99 68.21
N LYS C 524 -22.89 -2.73 68.48
CA LYS C 524 -23.84 -1.65 68.22
C LYS C 524 -23.95 -1.50 66.70
N GLU C 525 -25.06 -1.99 66.16
CA GLU C 525 -25.43 -1.89 64.74
C GLU C 525 -24.91 -0.62 64.05
N GLY C 526 -24.76 -0.68 62.73
CA GLY C 526 -24.31 0.47 61.96
C GLY C 526 -23.75 0.03 60.63
N PHE C 527 -23.16 0.96 59.90
CA PHE C 527 -22.52 0.61 58.64
C PHE C 527 -21.14 0.10 58.92
N LEU C 528 -20.43 0.83 59.78
CA LEU C 528 -19.07 0.47 60.11
C LEU C 528 -19.01 -0.77 60.98
N ARG C 529 -20.18 -1.24 61.42
CA ARG C 529 -20.28 -2.49 62.12
C ARG C 529 -21.08 -3.48 61.27
N SER C 530 -21.01 -3.33 59.95
CA SER C 530 -21.63 -4.29 59.04
C SER C 530 -20.71 -5.48 58.87
N GLU C 531 -21.27 -6.61 58.43
CA GLU C 531 -20.50 -7.82 58.21
C GLU C 531 -19.26 -7.52 57.36
N ARG C 532 -19.46 -6.71 56.31
CA ARG C 532 -18.37 -6.33 55.39
C ARG C 532 -17.41 -5.30 55.99
N SER C 533 -17.95 -4.27 56.65
CA SER C 533 -17.10 -3.26 57.30
C SER C 533 -16.23 -3.89 58.37
N LEU C 534 -16.77 -4.87 59.09
CA LEU C 534 -15.98 -5.56 60.09
C LEU C 534 -14.88 -6.31 59.42
N ILE C 535 -15.24 -7.20 58.49
CA ILE C 535 -14.24 -7.98 57.73
C ILE C 535 -13.08 -7.09 57.18
N GLN C 536 -13.40 -5.89 56.69
CA GLN C 536 -12.38 -4.95 56.17
C GLN C 536 -11.48 -4.45 57.27
N THR C 537 -12.08 -4.13 58.39
CA THR C 537 -11.37 -3.61 59.52
C THR C 537 -10.47 -4.66 60.14
N ILE C 538 -10.99 -5.90 60.24
CA ILE C 538 -10.22 -7.05 60.72
C ILE C 538 -8.99 -7.17 59.82
N GLY C 539 -9.19 -6.94 58.52
CA GLY C 539 -8.12 -6.97 57.51
C GLY C 539 -6.97 -6.02 57.81
N ARG C 540 -7.24 -4.94 58.55
CA ARG C 540 -6.19 -4.02 58.92
C ARG C 540 -5.21 -4.60 59.90
N ALA C 541 -5.38 -5.89 60.25
CA ALA C 541 -4.40 -6.62 61.08
C ALA C 541 -3.58 -7.66 60.30
N ALA C 542 -4.00 -7.98 59.06
CA ALA C 542 -3.33 -9.00 58.21
C ALA C 542 -1.95 -8.64 57.63
N ARG C 543 -1.47 -7.42 57.81
CA ARG C 543 -0.13 -7.06 57.35
C ARG C 543 0.94 -7.55 58.30
N ASN C 544 0.68 -7.42 59.59
CA ASN C 544 1.67 -7.77 60.63
C ASN C 544 1.51 -9.22 60.96
N ALA C 545 2.63 -9.90 61.23
CA ALA C 545 2.59 -11.33 61.54
C ALA C 545 2.11 -11.61 62.94
N ASN C 546 1.96 -10.57 63.76
CA ASN C 546 1.35 -10.72 65.08
C ASN C 546 0.00 -9.98 65.12
N GLY C 547 -0.69 -9.96 63.99
CA GLY C 547 -1.95 -9.25 63.88
C GLY C 547 -3.00 -9.79 64.82
N HIS C 548 -3.70 -8.89 65.48
CA HIS C 548 -4.74 -9.29 66.38
C HIS C 548 -5.87 -8.30 66.45
N VAL C 549 -7.08 -8.82 66.43
CA VAL C 549 -8.27 -8.02 66.47
C VAL C 549 -8.94 -8.24 67.77
N ILE C 550 -9.39 -7.15 68.38
CA ILE C 550 -10.19 -7.22 69.57
C ILE C 550 -11.51 -6.56 69.26
N MET C 551 -12.61 -7.22 69.63
CA MET C 551 -13.94 -6.65 69.47
C MET C 551 -14.52 -6.44 70.84
N TYR C 552 -14.87 -5.17 71.14
CA TYR C 552 -15.50 -4.81 72.44
C TYR C 552 -17.03 -4.73 72.31
N ALA C 553 -17.71 -5.64 73.00
CA ALA C 553 -19.17 -5.77 72.89
C ALA C 553 -19.80 -6.48 74.10
N ASP C 554 -21.11 -6.28 74.27
CA ASP C 554 -21.87 -6.94 75.32
C ASP C 554 -22.63 -8.15 74.77
N THR C 555 -22.84 -8.14 73.45
CA THR C 555 -23.55 -9.20 72.78
C THR C 555 -22.86 -9.51 71.43
N ILE C 556 -23.13 -10.67 70.86
CA ILE C 556 -22.56 -11.03 69.57
C ILE C 556 -23.62 -10.87 68.53
N THR C 557 -23.43 -9.97 67.60
CA THR C 557 -24.41 -9.78 66.53
C THR C 557 -24.18 -10.80 65.45
N LYS C 558 -25.12 -10.90 64.53
CA LYS C 558 -24.98 -11.81 63.39
C LYS C 558 -23.74 -11.35 62.61
N SER C 559 -23.66 -10.03 62.41
CA SER C 559 -22.55 -9.38 61.72
C SER C 559 -21.22 -9.83 62.30
N MET C 560 -21.08 -9.69 63.62
CA MET C 560 -19.88 -10.08 64.30
C MET C 560 -19.64 -11.52 64.05
N GLU C 561 -20.64 -12.33 64.29
CA GLU C 561 -20.49 -13.76 64.17
C GLU C 561 -20.01 -14.21 62.79
N ILE C 562 -20.46 -13.55 61.73
CA ILE C 562 -20.05 -13.94 60.38
C ILE C 562 -18.61 -13.59 60.11
N ALA C 563 -18.25 -12.32 60.30
CA ALA C 563 -16.88 -11.86 60.09
C ALA C 563 -15.91 -12.69 60.90
N ILE C 564 -16.31 -12.97 62.13
CA ILE C 564 -15.52 -13.76 63.06
C ILE C 564 -15.37 -15.19 62.56
N GLN C 565 -16.46 -15.78 62.09
CA GLN C 565 -16.44 -17.15 61.56
C GLN C 565 -15.74 -17.27 60.19
N GLU C 566 -15.86 -16.22 59.39
CA GLU C 566 -15.26 -16.18 58.09
C GLU C 566 -13.76 -16.06 58.24
N THR C 567 -13.31 -15.15 59.11
CA THR C 567 -11.87 -14.91 59.39
C THR C 567 -11.17 -16.19 59.90
N LYS C 568 -11.89 -16.93 60.76
CA LYS C 568 -11.46 -18.24 61.31
C LYS C 568 -11.14 -19.18 60.16
N ARG C 569 -12.13 -19.41 59.30
CA ARG C 569 -11.99 -20.29 58.15
C ARG C 569 -10.85 -19.89 57.22
N ARG C 570 -10.62 -18.59 57.14
CA ARG C 570 -9.65 -18.02 56.27
C ARG C 570 -8.25 -18.20 56.86
N ARG C 571 -8.12 -18.01 58.17
CA ARG C 571 -6.83 -18.25 58.87
C ARG C 571 -6.51 -19.74 58.85
N ALA C 572 -7.50 -20.57 59.13
CA ALA C 572 -7.32 -22.02 59.12
C ALA C 572 -6.69 -22.53 57.77
N ILE C 573 -7.25 -22.07 56.66
CA ILE C 573 -6.79 -22.43 55.32
C ILE C 573 -5.40 -21.89 55.04
N GLN C 574 -5.15 -20.68 55.50
CA GLN C 574 -3.84 -20.07 55.35
C GLN C 574 -2.78 -20.84 56.17
N GLU C 575 -3.16 -21.23 57.38
CA GLU C 575 -2.28 -21.94 58.31
C GLU C 575 -1.96 -23.37 57.78
N GLU C 576 -2.95 -24.03 57.16
CA GLU C 576 -2.76 -25.37 56.57
C GLU C 576 -1.82 -25.33 55.32
N TYR C 577 -1.83 -24.20 54.58
CA TYR C 577 -0.96 -24.02 53.39
C TYR C 577 0.49 -23.78 53.83
N ASN C 578 0.67 -23.01 54.90
CA ASN C 578 2.01 -22.73 55.40
C ASN C 578 2.67 -24.00 55.93
N ARG C 579 1.90 -24.88 56.55
CA ARG C 579 2.41 -26.21 56.96
C ARG C 579 3.03 -26.91 55.79
N LYS C 580 2.24 -27.00 54.72
CA LYS C 580 2.60 -27.70 53.50
C LYS C 580 3.84 -27.12 52.81
N HIS C 581 3.90 -25.82 52.64
CA HIS C 581 4.99 -25.23 51.90
C HIS C 581 6.12 -24.76 52.81
N GLY C 582 6.11 -25.24 54.04
CA GLY C 582 7.14 -24.89 55.02
C GLY C 582 7.33 -23.39 55.24
N ILE C 583 6.25 -22.63 55.22
CA ILE C 583 6.33 -21.18 55.40
C ILE C 583 6.17 -20.75 56.86
N VAL C 584 7.01 -19.80 57.26
CA VAL C 584 6.92 -19.15 58.55
C VAL C 584 6.63 -17.69 58.22
N PRO C 585 5.40 -17.21 58.50
CA PRO C 585 5.01 -15.84 58.12
C PRO C 585 5.82 -14.75 58.82
N ARG C 586 6.17 -13.71 58.07
CA ARG C 586 6.94 -12.60 58.57
C ARG C 586 6.37 -11.33 58.00
N THR C 587 6.33 -10.29 58.82
CA THR C 587 5.74 -9.00 58.43
C THR C 587 6.39 -8.43 57.17
N VAL C 588 5.58 -7.94 56.22
CA VAL C 588 6.12 -7.33 54.96
C VAL C 588 6.97 -6.08 55.22
N LYS C 589 8.25 -6.17 54.88
CA LYS C 589 9.21 -5.08 55.14
C LYS C 589 8.93 -3.89 54.25
N LYS C 590 8.67 -2.73 54.86
CA LYS C 590 8.46 -1.50 54.09
C LYS C 590 9.06 -0.32 54.80
N GLU C 591 9.23 0.78 54.06
CA GLU C 591 9.70 2.03 54.61
C GLU C 591 8.93 3.16 54.01
N ILE C 592 9.28 4.37 54.44
CA ILE C 592 8.59 5.59 54.02
C ILE C 592 9.62 6.62 53.58
N ARG C 593 9.20 7.54 52.70
CA ARG C 593 10.10 8.55 52.15
C ARG C 593 9.79 9.95 52.68
N ASP C 594 10.69 10.90 52.37
CA ASP C 594 10.58 12.29 52.81
C ASP C 594 10.07 13.18 51.69
N VAL D 1 18.07 -20.36 -62.69
CA VAL D 1 19.11 -19.71 -61.84
C VAL D 1 18.48 -18.54 -61.03
N GLU D 2 18.62 -18.61 -59.71
CA GLU D 2 18.12 -17.54 -58.84
C GLU D 2 18.76 -17.64 -57.44
N GLY D 3 19.06 -16.46 -56.88
CA GLY D 3 19.72 -16.28 -55.59
C GLY D 3 19.48 -17.34 -54.54
N ARG D 4 20.58 -17.81 -53.95
CA ARG D 4 20.59 -18.81 -52.88
C ARG D 4 21.36 -18.25 -51.71
N PHE D 5 20.77 -18.27 -50.53
CA PHE D 5 21.48 -17.83 -49.33
C PHE D 5 22.67 -18.75 -49.10
N GLN D 6 23.81 -18.15 -48.73
CA GLN D 6 25.05 -18.89 -48.42
C GLN D 6 25.49 -18.58 -46.98
N LEU D 7 25.01 -19.39 -46.01
CA LEU D 7 25.32 -19.15 -44.58
C LEU D 7 26.84 -19.30 -44.28
N VAL D 8 27.37 -18.35 -43.51
CA VAL D 8 28.78 -18.30 -43.19
C VAL D 8 28.99 -18.05 -41.72
N ALA D 9 29.38 -19.11 -41.02
CA ALA D 9 29.72 -19.04 -39.61
C ALA D 9 30.89 -20.00 -39.32
N PRO D 10 31.77 -19.61 -38.38
CA PRO D 10 32.84 -20.51 -37.99
C PRO D 10 32.39 -21.35 -36.81
N TYR D 11 31.23 -22.01 -36.95
CA TYR D 11 30.65 -22.92 -35.91
C TYR D 11 29.32 -23.48 -36.35
N GLU D 12 28.97 -24.64 -35.81
CA GLU D 12 27.75 -25.36 -36.17
C GLU D 12 26.62 -25.07 -35.22
N PRO D 13 25.38 -25.48 -35.59
CA PRO D 13 24.31 -25.38 -34.63
C PRO D 13 24.62 -26.28 -33.42
N GLN D 14 24.81 -25.67 -32.24
CA GLN D 14 25.14 -26.36 -30.98
C GLN D 14 23.91 -26.44 -30.06
N GLY D 15 24.14 -26.69 -28.77
CA GLY D 15 23.06 -26.76 -27.78
C GLY D 15 21.87 -27.51 -28.29
N ASP D 16 20.71 -26.89 -28.18
CA ASP D 16 19.48 -27.44 -28.71
C ASP D 16 19.00 -26.65 -29.95
N GLN D 17 19.93 -25.92 -30.59
CA GLN D 17 19.64 -25.16 -31.85
C GLN D 17 19.15 -26.08 -32.99
N PRO D 18 19.84 -27.21 -33.25
CA PRO D 18 19.48 -28.08 -34.35
C PRO D 18 18.08 -28.58 -34.20
N GLN D 19 17.76 -28.96 -32.98
CA GLN D 19 16.42 -29.34 -32.64
C GLN D 19 15.40 -28.21 -33.03
N ALA D 20 15.71 -26.96 -32.64
CA ALA D 20 14.84 -25.80 -32.89
C ALA D 20 14.69 -25.55 -34.38
N ILE D 21 15.83 -25.47 -35.08
CA ILE D 21 15.86 -25.22 -36.52
C ILE D 21 15.02 -26.22 -37.29
N ALA D 22 15.21 -27.49 -37.00
CA ALA D 22 14.46 -28.54 -37.70
C ALA D 22 12.95 -28.36 -37.49
N LYS D 23 12.57 -28.13 -36.24
CA LYS D 23 11.18 -27.98 -35.86
C LYS D 23 10.53 -26.78 -36.64
N LEU D 24 11.25 -25.65 -36.67
CA LEU D 24 10.79 -24.41 -37.35
C LEU D 24 10.71 -24.55 -38.84
N VAL D 25 11.71 -25.20 -39.42
CA VAL D 25 11.81 -25.34 -40.87
C VAL D 25 10.77 -26.30 -41.39
N ASP D 26 10.50 -27.38 -40.64
CA ASP D 26 9.51 -28.32 -41.10
C ASP D 26 8.15 -27.67 -40.98
N GLY D 27 7.93 -26.96 -39.89
CA GLY D 27 6.69 -26.22 -39.72
C GLY D 27 6.42 -25.33 -40.91
N LEU D 28 7.48 -24.65 -41.40
CA LEU D 28 7.39 -23.79 -42.57
C LEU D 28 7.01 -24.61 -43.79
N ARG D 29 7.68 -25.73 -43.99
CA ARG D 29 7.40 -26.61 -45.14
C ARG D 29 5.99 -27.16 -45.05
N ARG D 30 5.54 -27.43 -43.83
CA ARG D 30 4.17 -27.89 -43.59
C ARG D 30 3.20 -26.69 -43.68
N GLY D 31 3.76 -25.50 -43.94
CA GLY D 31 2.97 -24.31 -44.22
C GLY D 31 2.29 -23.73 -43.01
N VAL D 32 3.01 -23.65 -41.90
CA VAL D 32 2.42 -23.12 -40.68
C VAL D 32 2.57 -21.62 -40.67
N LYS D 33 1.43 -20.93 -40.61
CA LYS D 33 1.43 -19.48 -40.70
C LYS D 33 2.20 -18.84 -39.57
N HIS D 34 1.80 -19.16 -38.33
CA HIS D 34 2.40 -18.57 -37.12
C HIS D 34 3.23 -19.56 -36.35
N GLN D 35 4.43 -19.14 -35.97
CA GLN D 35 5.32 -19.97 -35.18
C GLN D 35 6.09 -19.14 -34.19
N THR D 36 6.44 -19.74 -33.06
CA THR D 36 7.17 -19.00 -32.05
C THR D 36 8.48 -19.72 -31.63
N LEU D 37 9.61 -18.99 -31.71
CA LEU D 37 10.88 -19.49 -31.20
C LEU D 37 11.02 -18.95 -29.79
N LEU D 38 10.94 -19.84 -28.80
CA LEU D 38 11.05 -19.48 -27.41
C LEU D 38 12.52 -19.58 -27.07
N GLY D 39 13.27 -18.60 -27.51
CA GLY D 39 14.69 -18.60 -27.29
C GLY D 39 14.97 -18.02 -25.95
N ALA D 40 15.77 -18.73 -25.16
CA ALA D 40 16.12 -18.23 -23.85
C ALA D 40 17.32 -17.33 -24.01
N THR D 41 17.42 -16.34 -23.14
CA THR D 41 18.56 -15.43 -23.14
C THR D 41 19.92 -16.15 -23.22
N GLY D 42 20.74 -15.76 -24.19
CA GLY D 42 22.06 -16.33 -24.35
C GLY D 42 22.17 -17.54 -25.28
N THR D 43 21.05 -18.06 -25.79
CA THR D 43 21.14 -19.15 -26.78
C THR D 43 21.27 -18.50 -28.15
N GLY D 44 21.50 -19.33 -29.17
CA GLY D 44 21.70 -18.86 -30.57
C GLY D 44 20.75 -17.81 -31.16
N LYS D 45 19.45 -17.94 -30.86
CA LYS D 45 18.37 -17.11 -31.44
C LYS D 45 18.68 -16.62 -32.84
N THR D 46 19.50 -15.57 -32.93
CA THR D 46 19.80 -14.90 -34.19
C THR D 46 20.56 -15.83 -35.20
N PHE D 47 21.35 -16.78 -34.69
CA PHE D 47 22.00 -17.79 -35.54
C PHE D 47 20.99 -18.88 -35.93
N THR D 48 20.20 -19.32 -34.96
CA THR D 48 19.12 -20.28 -35.21
C THR D 48 18.18 -19.81 -36.35
N ILE D 49 17.88 -18.51 -36.37
CA ILE D 49 17.05 -17.90 -37.41
C ILE D 49 17.80 -17.87 -38.72
N SER D 50 19.08 -17.46 -38.70
CA SER D 50 19.91 -17.46 -39.93
C SER D 50 19.82 -18.84 -40.64
N ASN D 51 19.90 -19.93 -39.87
CA ASN D 51 19.78 -21.32 -40.42
C ASN D 51 18.39 -21.64 -41.00
N VAL D 52 17.35 -21.17 -40.31
CA VAL D 52 15.98 -21.36 -40.77
C VAL D 52 15.74 -20.60 -42.07
N ILE D 53 16.32 -19.41 -42.19
CA ILE D 53 16.22 -18.64 -43.41
C ILE D 53 16.97 -19.38 -44.55
N ALA D 54 18.24 -19.70 -44.29
CA ALA D 54 19.08 -20.37 -45.29
C ALA D 54 18.52 -21.73 -45.81
N GLN D 55 17.70 -22.40 -45.02
CA GLN D 55 17.17 -23.69 -45.43
C GLN D 55 15.91 -23.54 -46.27
N VAL D 56 14.98 -22.72 -45.86
CA VAL D 56 13.73 -22.54 -46.65
C VAL D 56 13.94 -21.63 -47.88
N ASN D 57 15.04 -20.87 -47.88
CA ASN D 57 15.40 -19.94 -48.95
C ASN D 57 14.23 -18.99 -49.47
N LYS D 58 13.71 -18.21 -48.52
CA LYS D 58 12.64 -17.26 -48.76
C LYS D 58 13.19 -15.89 -48.45
N PRO D 59 12.79 -14.87 -49.25
CA PRO D 59 13.26 -13.55 -48.93
C PRO D 59 12.57 -13.13 -47.66
N THR D 60 13.31 -12.56 -46.73
CA THR D 60 12.76 -12.29 -45.41
C THR D 60 12.83 -10.85 -44.97
N LEU D 61 11.86 -10.51 -44.11
CA LEU D 61 11.78 -9.24 -43.45
C LEU D 61 11.94 -9.54 -41.96
N VAL D 62 12.99 -8.98 -41.32
CA VAL D 62 13.13 -9.12 -39.85
C VAL D 62 12.79 -7.77 -39.23
N ILE D 63 11.65 -7.72 -38.55
CA ILE D 63 11.15 -6.50 -37.92
C ILE D 63 11.70 -6.45 -36.50
N ALA D 64 12.07 -5.26 -36.07
CA ALA D 64 12.63 -5.08 -34.74
C ALA D 64 12.03 -3.84 -34.04
N HIS D 65 11.96 -3.86 -32.71
CA HIS D 65 11.30 -2.74 -31.97
C HIS D 65 12.11 -1.44 -31.90
N ASN D 66 13.44 -1.51 -31.93
CA ASN D 66 14.24 -0.24 -32.00
C ASN D 66 15.48 -0.35 -32.90
N LYS D 67 16.00 0.81 -33.29
CA LYS D 67 17.07 0.88 -34.31
C LYS D 67 18.41 0.33 -33.83
N THR D 68 18.72 0.45 -32.54
CA THR D 68 19.96 -0.14 -32.03
C THR D 68 19.89 -1.62 -32.23
N LEU D 69 18.76 -2.19 -31.86
CA LEU D 69 18.53 -3.61 -32.04
C LEU D 69 18.48 -3.97 -33.55
N ALA D 70 17.87 -3.09 -34.35
CA ALA D 70 17.82 -3.30 -35.80
C ALA D 70 19.22 -3.23 -36.34
N GLY D 71 19.98 -2.27 -35.84
CA GLY D 71 21.34 -2.11 -36.24
C GLY D 71 22.17 -3.36 -36.06
N GLN D 72 21.94 -4.08 -34.98
CA GLN D 72 22.74 -5.25 -34.71
C GLN D 72 22.33 -6.44 -35.55
N LEU D 73 21.04 -6.68 -35.71
CA LEU D 73 20.63 -7.81 -36.52
C LEU D 73 21.24 -7.66 -37.91
N TYR D 74 21.22 -6.41 -38.44
CA TYR D 74 21.80 -6.10 -39.77
C TYR D 74 23.26 -6.44 -39.84
N SER D 75 24.00 -5.95 -38.85
CA SER D 75 25.42 -6.22 -38.71
C SER D 75 25.69 -7.75 -38.61
N GLU D 76 25.04 -8.40 -37.66
CA GLU D 76 25.17 -9.85 -37.45
C GLU D 76 24.78 -10.62 -38.70
N LEU D 77 23.65 -10.23 -39.31
CA LEU D 77 23.16 -10.90 -40.52
C LEU D 77 24.03 -10.64 -41.75
N LYS D 78 24.75 -9.51 -41.74
CA LYS D 78 25.70 -9.20 -42.85
C LYS D 78 26.90 -10.15 -42.86
N GLU D 79 27.31 -10.61 -41.69
CA GLU D 79 28.42 -11.55 -41.62
C GLU D 79 27.98 -12.95 -41.93
N PHE D 80 26.82 -13.34 -41.42
CA PHE D 80 26.29 -14.69 -41.66
C PHE D 80 25.94 -14.95 -43.16
N PHE D 81 25.58 -13.90 -43.88
CA PHE D 81 25.29 -14.00 -45.30
C PHE D 81 26.04 -12.86 -46.01
N PRO D 82 27.39 -12.97 -46.12
CA PRO D 82 28.18 -11.84 -46.64
C PRO D 82 28.13 -11.69 -48.15
N HIS D 83 27.73 -12.74 -48.87
CA HIS D 83 27.60 -12.67 -50.32
C HIS D 83 26.12 -12.80 -50.72
N ASN D 84 25.23 -12.22 -49.89
CA ASN D 84 23.78 -12.16 -50.16
C ASN D 84 23.26 -10.77 -49.78
N ALA D 85 22.07 -10.40 -50.26
CA ALA D 85 21.51 -9.06 -50.01
C ALA D 85 20.94 -8.87 -48.59
N VAL D 86 21.74 -8.28 -47.72
CA VAL D 86 21.29 -7.94 -46.39
C VAL D 86 21.05 -6.43 -46.43
N GLU D 87 19.79 -6.05 -46.25
CA GLU D 87 19.34 -4.68 -46.41
C GLU D 87 18.81 -4.11 -45.14
N TYR D 88 18.92 -2.80 -45.01
CA TYR D 88 18.44 -2.10 -43.81
C TYR D 88 17.31 -1.18 -44.28
N PHE D 89 16.25 -1.10 -43.49
CA PHE D 89 15.09 -0.30 -43.84
C PHE D 89 14.59 0.35 -42.57
N VAL D 90 14.78 1.64 -42.50
CA VAL D 90 14.55 2.36 -41.28
C VAL D 90 14.19 3.82 -41.56
N SER D 91 13.45 4.47 -40.66
CA SER D 91 13.14 5.88 -40.84
C SER D 91 14.40 6.62 -41.25
N TYR D 92 14.34 7.29 -42.39
CA TYR D 92 15.46 8.02 -42.90
C TYR D 92 15.46 9.49 -42.40
N TYR D 93 14.60 9.79 -41.44
CA TYR D 93 14.52 11.15 -40.98
C TYR D 93 15.52 11.42 -39.81
N ASP D 94 16.49 12.29 -40.07
CA ASP D 94 17.38 12.77 -39.01
C ASP D 94 16.57 13.56 -38.03
N TYR D 95 15.57 14.25 -38.55
CA TYR D 95 14.66 15.00 -37.73
C TYR D 95 13.27 14.94 -38.37
N TYR D 96 12.23 15.09 -37.54
CA TYR D 96 10.86 15.15 -38.05
C TYR D 96 9.90 15.82 -37.08
N GLN D 97 9.21 16.84 -37.59
CA GLN D 97 8.13 17.48 -36.89
C GLN D 97 6.94 17.42 -37.84
N PRO D 98 5.92 16.62 -37.51
CA PRO D 98 4.80 16.46 -38.44
C PRO D 98 3.89 17.67 -38.46
N GLU D 99 3.21 17.89 -39.57
CA GLU D 99 2.21 18.93 -39.61
C GLU D 99 1.18 18.55 -38.55
N ALA D 100 0.80 19.53 -37.72
CA ALA D 100 -0.11 19.28 -36.59
C ALA D 100 -0.68 20.57 -36.06
N TYR D 101 -1.79 20.46 -35.37
CA TYR D 101 -2.49 21.64 -34.89
C TYR D 101 -3.01 21.43 -33.50
N VAL D 102 -2.50 22.22 -32.55
CA VAL D 102 -2.98 22.15 -31.15
C VAL D 102 -4.21 23.01 -31.08
N PRO D 103 -5.38 22.38 -30.85
CA PRO D 103 -6.63 23.15 -30.83
C PRO D 103 -6.77 23.86 -29.51
N GLN D 104 -6.04 23.37 -28.51
CA GLN D 104 -6.05 23.94 -27.18
C GLN D 104 -5.61 25.41 -27.25
N THR D 105 -4.47 25.66 -27.88
CA THR D 105 -3.92 26.99 -27.98
C THR D 105 -3.95 27.57 -29.44
N ASP D 106 -4.87 27.06 -30.28
CA ASP D 106 -5.03 27.52 -31.68
C ASP D 106 -3.70 27.85 -32.40
N THR D 107 -2.82 26.84 -32.52
CA THR D 107 -1.51 27.00 -33.17
C THR D 107 -1.21 25.88 -34.12
N TYR D 108 -0.91 26.23 -35.35
CA TYR D 108 -0.60 25.27 -36.38
C TYR D 108 0.90 25.09 -36.46
N ILE D 109 1.35 23.85 -36.55
CA ILE D 109 2.77 23.55 -36.67
C ILE D 109 3.05 23.02 -38.06
N GLU D 110 4.04 23.59 -38.71
CA GLU D 110 4.39 23.24 -40.08
C GLU D 110 5.11 21.91 -40.09
N LYS D 111 5.01 21.16 -41.18
CA LYS D 111 5.82 19.95 -41.28
C LYS D 111 7.26 20.36 -41.41
N ASP D 112 8.15 19.62 -40.78
CA ASP D 112 9.58 19.89 -40.89
C ASP D 112 10.36 18.60 -40.71
N ALA D 113 11.20 18.28 -41.69
CA ALA D 113 11.96 17.04 -41.66
C ALA D 113 13.31 17.19 -42.34
N LYS D 114 14.23 16.24 -42.07
CA LYS D 114 15.55 16.21 -42.71
C LYS D 114 15.90 14.77 -43.07
N ILE D 115 15.93 14.48 -44.37
CA ILE D 115 16.21 13.14 -44.91
C ILE D 115 17.65 12.77 -44.57
N ASN D 116 18.01 11.47 -44.65
CA ASN D 116 19.35 10.98 -44.25
C ASN D 116 20.33 10.47 -45.33
N ASP D 117 19.87 10.16 -46.52
CA ASP D 117 20.76 9.62 -47.59
C ASP D 117 21.18 8.24 -47.31
N GLU D 118 22.13 8.06 -46.39
CA GLU D 118 22.57 6.73 -46.07
C GLU D 118 21.38 5.83 -45.93
N ILE D 119 20.49 6.19 -45.03
CA ILE D 119 19.31 5.41 -44.79
C ILE D 119 18.45 5.44 -46.03
N ASP D 120 18.19 6.63 -46.58
CA ASP D 120 17.39 6.73 -47.82
C ASP D 120 17.92 5.81 -48.94
N LYS D 121 19.23 5.78 -49.10
CA LYS D 121 19.90 4.91 -50.06
C LYS D 121 19.66 3.44 -49.71
N LEU D 122 19.87 3.09 -48.45
CA LEU D 122 19.67 1.69 -48.01
C LEU D 122 18.22 1.21 -48.24
N ARG D 123 17.24 2.15 -48.11
CA ARG D 123 15.81 1.84 -48.34
C ARG D 123 15.60 1.54 -49.77
N HIS D 124 16.23 2.34 -50.62
CA HIS D 124 16.22 2.09 -52.06
C HIS D 124 16.98 0.78 -52.43
N SER D 125 18.10 0.53 -51.76
CA SER D 125 18.82 -0.70 -51.94
C SER D 125 17.93 -1.88 -51.50
N ALA D 126 17.14 -1.64 -50.44
CA ALA D 126 16.22 -2.63 -49.90
C ALA D 126 15.15 -3.03 -50.89
N THR D 127 14.46 -2.02 -51.42
CA THR D 127 13.33 -2.24 -52.32
C THR D 127 13.71 -2.80 -53.66
N SER D 128 14.84 -2.32 -54.20
CA SER D 128 15.32 -2.75 -55.50
C SER D 128 15.73 -4.21 -55.43
N ALA D 129 16.44 -4.57 -54.35
CA ALA D 129 16.91 -5.95 -54.15
C ALA D 129 15.78 -6.96 -54.26
N LEU D 130 14.65 -6.65 -53.66
CA LEU D 130 13.50 -7.56 -53.69
C LEU D 130 12.98 -7.85 -55.09
N PHE D 131 13.38 -7.04 -56.07
CA PHE D 131 12.96 -7.22 -57.47
C PHE D 131 14.01 -7.83 -58.34
N GLU D 132 15.25 -7.84 -57.88
CA GLU D 132 16.31 -8.51 -58.58
C GLU D 132 16.41 -9.95 -58.08
N ARG D 133 16.95 -10.16 -56.87
CA ARG D 133 17.19 -11.54 -56.39
C ARG D 133 16.28 -12.07 -55.28
N ARG D 134 16.48 -13.38 -55.01
CA ARG D 134 15.85 -14.11 -53.90
C ARG D 134 16.58 -13.89 -52.62
N ASP D 135 17.90 -14.09 -52.65
CA ASP D 135 18.71 -14.01 -51.45
C ASP D 135 18.76 -12.62 -50.82
N VAL D 136 17.62 -12.17 -50.31
CA VAL D 136 17.53 -10.88 -49.68
C VAL D 136 16.77 -10.95 -48.33
N ILE D 137 17.41 -10.37 -47.33
CA ILE D 137 16.93 -10.30 -45.98
C ILE D 137 16.91 -8.82 -45.71
N ILE D 138 15.78 -8.31 -45.20
CA ILE D 138 15.66 -6.84 -44.89
C ILE D 138 15.33 -6.62 -43.43
N VAL D 139 16.30 -6.01 -42.74
CA VAL D 139 16.15 -5.69 -41.34
C VAL D 139 15.46 -4.35 -41.27
N ALA D 140 14.34 -4.30 -40.52
CA ALA D 140 13.51 -3.10 -40.49
C ALA D 140 12.91 -2.74 -39.13
N SER D 141 12.54 -1.46 -39.02
CA SER D 141 11.78 -0.93 -37.89
C SER D 141 10.34 -0.98 -38.34
N VAL D 142 9.43 -0.47 -37.51
CA VAL D 142 8.03 -0.42 -37.94
C VAL D 142 7.79 0.59 -39.04
N SER D 143 8.86 1.10 -39.66
CA SER D 143 8.67 1.91 -40.85
C SER D 143 8.20 1.03 -42.00
N CYS D 144 8.34 -0.29 -41.87
CA CYS D 144 7.90 -1.15 -42.96
C CYS D 144 6.38 -1.28 -43.02
N ILE D 145 5.63 -0.86 -41.98
CA ILE D 145 4.15 -0.85 -42.12
C ILE D 145 3.64 0.51 -42.68
N TYR D 146 4.51 1.51 -42.75
CA TYR D 146 4.11 2.79 -43.33
C TYR D 146 4.11 2.73 -44.87
N GLY D 147 3.31 3.59 -45.46
CA GLY D 147 2.99 3.54 -46.86
C GLY D 147 4.10 3.72 -47.85
N LEU D 148 3.88 3.11 -49.00
CA LEU D 148 4.84 3.06 -50.07
C LEU D 148 4.05 2.94 -51.36
N GLY D 149 4.65 3.37 -52.46
CA GLY D 149 3.97 3.28 -53.73
C GLY D 149 3.65 1.86 -54.06
N SER D 150 2.64 1.64 -54.91
CA SER D 150 2.37 0.32 -55.42
C SER D 150 3.66 -0.28 -55.91
N PRO D 151 3.91 -1.56 -55.59
CA PRO D 151 5.15 -2.14 -56.00
C PRO D 151 5.12 -2.54 -57.48
N GLU D 152 3.93 -2.83 -58.02
CA GLU D 152 3.81 -3.15 -59.45
C GLU D 152 4.18 -1.93 -60.25
N GLU D 153 3.69 -0.80 -59.80
CA GLU D 153 3.95 0.45 -60.43
C GLU D 153 5.45 0.78 -60.33
N TYR D 154 6.07 0.44 -59.20
CA TYR D 154 7.52 0.75 -58.93
C TYR D 154 8.41 -0.04 -59.83
N ARG D 155 7.97 -1.25 -60.10
CA ARG D 155 8.68 -2.16 -60.97
C ARG D 155 8.51 -1.74 -62.43
N GLU D 156 7.26 -1.48 -62.85
CA GLU D 156 7.01 -1.13 -64.24
C GLU D 156 7.72 0.11 -64.72
N LEU D 157 8.01 1.04 -63.82
CA LEU D 157 8.72 2.24 -64.21
C LEU D 157 10.20 1.96 -64.49
N VAL D 158 10.74 0.89 -63.92
CA VAL D 158 12.18 0.52 -64.13
C VAL D 158 12.61 0.72 -65.59
N VAL D 159 13.64 1.53 -65.82
CA VAL D 159 14.19 1.66 -67.16
C VAL D 159 15.39 0.78 -67.21
N SER D 160 15.24 -0.36 -67.88
CA SER D 160 16.34 -1.27 -68.02
C SER D 160 17.00 -1.07 -69.38
N LEU D 161 18.33 -0.95 -69.34
CA LEU D 161 19.13 -0.74 -70.50
C LEU D 161 19.87 -2.03 -70.81
N ARG D 162 20.63 -2.02 -71.91
CA ARG D 162 21.39 -3.19 -72.39
C ARG D 162 22.27 -2.77 -73.60
N VAL D 163 23.23 -3.65 -73.97
CA VAL D 163 24.11 -3.45 -75.16
C VAL D 163 23.31 -3.32 -76.48
N GLY D 164 23.66 -2.32 -77.28
CA GLY D 164 22.97 -2.06 -78.56
C GLY D 164 21.57 -1.50 -78.34
N MET D 165 20.61 -1.97 -79.14
CA MET D 165 19.16 -1.64 -78.97
C MET D 165 18.83 -0.17 -79.23
N GLU D 166 17.78 0.08 -80.02
CA GLU D 166 17.48 1.45 -80.49
C GLU D 166 16.69 2.29 -79.49
N ILE D 167 17.42 2.92 -78.58
CA ILE D 167 16.86 3.86 -77.61
C ILE D 167 17.71 5.12 -77.72
N GLU D 168 17.14 6.21 -78.24
CA GLU D 168 17.93 7.42 -78.44
C GLU D 168 18.38 8.05 -77.13
N ARG D 169 19.37 8.91 -77.22
CA ARG D 169 20.03 9.54 -76.07
C ARG D 169 19.12 10.50 -75.27
N ASN D 170 18.08 11.02 -75.88
CA ASN D 170 17.13 11.82 -75.14
C ASN D 170 15.90 11.02 -74.77
N ALA D 171 15.76 9.83 -75.38
CA ALA D 171 14.68 8.92 -74.99
C ALA D 171 15.04 8.36 -73.60
N LEU D 172 16.25 7.82 -73.46
CA LEU D 172 16.72 7.35 -72.16
C LEU D 172 16.82 8.49 -71.15
N LEU D 173 17.09 9.70 -71.61
CA LEU D 173 17.22 10.82 -70.69
C LEU D 173 15.86 11.22 -70.08
N ARG D 174 14.84 11.43 -70.92
CA ARG D 174 13.50 11.81 -70.42
C ARG D 174 12.93 10.72 -69.52
N ARG D 175 13.09 9.46 -69.96
CA ARG D 175 12.69 8.28 -69.18
C ARG D 175 13.16 8.39 -67.72
N LEU D 176 14.39 8.85 -67.52
CA LEU D 176 14.97 8.99 -66.21
C LEU D 176 14.33 10.07 -65.37
N VAL D 177 13.77 11.09 -65.99
CA VAL D 177 13.14 12.17 -65.20
C VAL D 177 11.69 11.82 -64.83
N ASP D 178 11.01 11.03 -65.68
CA ASP D 178 9.65 10.50 -65.36
C ASP D 178 9.74 9.65 -64.07
N ILE D 179 10.78 8.80 -64.06
CA ILE D 179 11.23 7.97 -62.93
C ILE D 179 11.74 8.83 -61.70
N GLN D 180 11.97 10.12 -61.95
CA GLN D 180 12.41 11.10 -60.95
C GLN D 180 13.87 11.05 -60.56
N TYR D 181 14.75 11.26 -61.54
CA TYR D 181 16.16 11.56 -61.30
C TYR D 181 16.28 13.01 -61.68
N ASP D 182 17.27 13.70 -61.12
CA ASP D 182 17.54 15.11 -61.45
C ASP D 182 18.78 15.22 -62.31
N ARG D 183 18.72 16.07 -63.33
CA ARG D 183 19.91 16.34 -64.15
C ARG D 183 20.80 17.21 -63.28
N ASN D 184 22.03 16.77 -63.02
CA ASN D 184 22.94 17.60 -62.24
C ASN D 184 24.39 17.30 -62.61
N ASP D 185 24.88 18.10 -63.58
CA ASP D 185 26.25 18.01 -64.11
C ASP D 185 27.23 18.61 -63.12
N ILE D 186 26.81 19.73 -62.50
CA ILE D 186 27.63 20.46 -61.54
C ILE D 186 27.80 19.69 -60.19
N ASP D 187 26.71 19.07 -59.68
CA ASP D 187 26.73 18.29 -58.40
C ASP D 187 26.23 16.83 -58.58
N PHE D 188 27.06 16.01 -59.21
CA PHE D 188 26.71 14.60 -59.51
C PHE D 188 26.75 13.69 -58.26
N ARG D 189 25.68 13.73 -57.44
CA ARG D 189 25.52 12.86 -56.22
C ARG D 189 24.57 11.69 -56.53
N ARG D 190 23.99 11.08 -55.49
CA ARG D 190 23.03 9.97 -55.70
C ARG D 190 21.71 10.49 -56.26
N GLY D 191 21.08 9.68 -57.11
CA GLY D 191 19.77 10.00 -57.65
C GLY D 191 19.80 11.11 -58.67
N THR D 192 20.85 11.14 -59.48
CA THR D 192 21.00 12.16 -60.48
C THR D 192 21.89 11.71 -61.59
N PHE D 193 21.66 12.28 -62.79
CA PHE D 193 22.48 11.97 -63.96
C PHE D 193 23.13 13.24 -64.50
N ARG D 194 24.18 13.06 -65.31
CA ARG D 194 24.91 14.17 -65.94
C ARG D 194 25.23 13.94 -67.42
N VAL D 195 24.82 14.90 -68.24
CA VAL D 195 25.15 14.92 -69.65
C VAL D 195 26.66 15.25 -69.78
N ARG D 196 27.41 14.38 -70.45
CA ARG D 196 28.86 14.61 -70.68
C ARG D 196 29.14 14.71 -72.20
N GLY D 197 28.44 15.63 -72.86
CA GLY D 197 28.58 15.81 -74.30
C GLY D 197 27.71 14.83 -75.05
N ASP D 198 28.25 13.62 -75.30
CA ASP D 198 27.53 12.55 -76.03
C ASP D 198 27.68 11.18 -75.31
N VAL D 199 27.92 11.23 -74.01
CA VAL D 199 28.00 10.06 -73.16
C VAL D 199 27.35 10.44 -71.82
N VAL D 200 26.43 9.61 -71.32
CA VAL D 200 25.67 9.93 -70.10
C VAL D 200 25.92 8.95 -68.95
N GLU D 201 25.85 9.49 -67.73
CA GLU D 201 26.03 8.73 -66.51
C GLU D 201 24.91 9.01 -65.55
N ILE D 202 24.36 7.92 -65.00
CA ILE D 202 23.27 7.96 -64.03
C ILE D 202 23.84 7.48 -62.67
N PHE D 203 23.33 8.03 -61.57
CA PHE D 203 23.75 7.62 -60.22
C PHE D 203 22.53 6.98 -59.53
N PRO D 204 22.38 5.65 -59.66
CA PRO D 204 21.22 4.98 -59.12
C PRO D 204 20.87 5.39 -57.66
N ALA D 205 19.57 5.46 -57.36
CA ALA D 205 19.07 5.85 -56.03
C ALA D 205 19.47 4.87 -54.96
N SER D 206 19.74 3.64 -55.40
CA SER D 206 20.15 2.59 -54.50
C SER D 206 21.63 2.61 -54.20
N ARG D 207 22.45 3.03 -55.15
CA ARG D 207 23.93 2.92 -54.97
C ARG D 207 24.62 4.20 -54.39
N ASP D 208 25.78 3.96 -53.76
CA ASP D 208 26.50 4.94 -52.91
C ASP D 208 27.73 5.59 -53.57
N GLU D 209 28.64 4.74 -54.02
CA GLU D 209 29.90 5.15 -54.62
C GLU D 209 30.01 4.70 -56.08
N HIS D 210 29.51 3.50 -56.39
CA HIS D 210 29.52 2.98 -57.78
C HIS D 210 28.37 3.60 -58.55
N CYS D 211 28.44 3.54 -59.87
CA CYS D 211 27.36 4.06 -60.71
C CYS D 211 27.37 3.42 -62.11
N ILE D 212 26.40 3.81 -62.93
CA ILE D 212 26.25 3.27 -64.25
C ILE D 212 26.61 4.34 -65.30
N ARG D 213 27.36 3.94 -66.33
CA ARG D 213 27.72 4.84 -67.43
C ARG D 213 27.24 4.28 -68.76
N VAL D 214 26.29 4.99 -69.38
CA VAL D 214 25.77 4.59 -70.68
C VAL D 214 26.62 5.25 -71.79
N GLU D 215 27.09 4.43 -72.73
CA GLU D 215 28.01 4.87 -73.78
C GLU D 215 27.24 5.11 -75.09
N PHE D 216 27.12 6.38 -75.51
CA PHE D 216 26.33 6.73 -76.73
C PHE D 216 27.15 7.07 -78.01
N PHE D 217 26.96 6.27 -79.05
CA PHE D 217 27.50 6.52 -80.39
C PHE D 217 26.28 6.54 -81.32
N GLY D 218 25.78 7.75 -81.60
CA GLY D 218 24.57 7.92 -82.40
C GLY D 218 23.33 7.72 -81.53
N ASP D 219 22.17 7.53 -82.17
CA ASP D 219 20.91 7.29 -81.46
C ASP D 219 20.84 5.87 -80.80
N GLU D 220 21.77 4.97 -81.14
CA GLU D 220 21.82 3.64 -80.50
C GLU D 220 22.84 3.66 -79.35
N ILE D 221 22.58 2.82 -78.36
CA ILE D 221 23.48 2.70 -77.22
C ILE D 221 24.61 1.78 -77.64
N GLU D 222 25.81 1.99 -77.11
CA GLU D 222 26.94 1.09 -77.35
C GLU D 222 26.80 -0.07 -76.36
N ARG D 223 27.68 -0.12 -75.36
CA ARG D 223 27.52 -1.05 -74.25
C ARG D 223 27.51 -0.20 -72.98
N ILE D 224 27.47 -0.85 -71.82
CA ILE D 224 27.42 -0.14 -70.54
C ILE D 224 28.38 -0.81 -69.55
N ARG D 225 28.90 0.00 -68.63
CA ARG D 225 29.83 -0.50 -67.62
C ARG D 225 29.81 0.39 -66.37
N GLU D 226 30.41 -0.14 -65.30
CA GLU D 226 30.46 0.54 -64.01
C GLU D 226 31.35 1.80 -64.08
N VAL D 227 31.52 2.47 -62.94
CA VAL D 227 32.44 3.62 -62.84
C VAL D 227 32.63 3.88 -61.34
N ASP D 228 33.35 4.96 -60.99
CA ASP D 228 33.42 5.42 -59.59
C ASP D 228 33.27 6.93 -59.51
N ALA D 229 32.16 7.34 -58.88
CA ALA D 229 31.75 8.77 -58.75
C ALA D 229 32.92 9.72 -58.67
N LEU D 230 33.92 9.37 -57.88
CA LEU D 230 35.11 10.22 -57.75
C LEU D 230 35.96 10.20 -59.06
N THR D 231 37.07 9.44 -59.07
CA THR D 231 37.98 9.45 -60.24
C THR D 231 37.32 8.98 -61.53
N GLY D 232 36.96 7.69 -61.57
CA GLY D 232 36.33 7.09 -62.75
C GLY D 232 36.95 5.76 -63.14
N GLU D 233 37.00 4.85 -62.17
CA GLU D 233 37.56 3.51 -62.37
C GLU D 233 36.50 2.57 -62.97
N VAL D 234 36.70 2.18 -64.24
CA VAL D 234 35.78 1.24 -64.94
C VAL D 234 35.81 -0.19 -64.31
N LEU D 235 35.03 -0.40 -63.25
CA LEU D 235 35.07 -1.64 -62.46
C LEU D 235 34.58 -2.94 -63.17
N GLY D 236 33.38 -2.90 -63.74
CA GLY D 236 32.77 -4.10 -64.36
C GLY D 236 32.46 -3.87 -65.83
N GLU D 237 31.67 -4.77 -66.42
CA GLU D 237 31.30 -4.65 -67.84
C GLU D 237 29.90 -5.21 -68.02
N ARG D 238 28.91 -4.33 -68.21
CA ARG D 238 27.47 -4.73 -68.17
C ARG D 238 26.81 -5.28 -69.46
N GLU D 239 26.26 -6.49 -69.33
CA GLU D 239 25.43 -7.10 -70.39
C GLU D 239 24.09 -6.39 -70.43
N HIS D 240 23.42 -6.38 -69.26
CA HIS D 240 22.09 -5.74 -69.08
C HIS D 240 22.01 -5.04 -67.69
N VAL D 241 21.73 -3.73 -67.67
CA VAL D 241 21.51 -2.99 -66.42
C VAL D 241 20.02 -2.60 -66.29
N ALA D 242 19.56 -2.43 -65.05
CA ALA D 242 18.17 -2.02 -64.77
C ALA D 242 18.13 -0.85 -63.76
N ILE D 243 17.65 0.33 -64.21
CA ILE D 243 17.54 1.53 -63.32
C ILE D 243 16.12 1.68 -62.72
N PHE D 244 16.05 1.63 -61.38
CA PHE D 244 14.78 1.75 -60.63
C PHE D 244 14.41 3.21 -60.35
N PRO D 245 13.09 3.49 -60.22
CA PRO D 245 12.69 4.85 -59.91
C PRO D 245 13.45 5.36 -58.71
N ALA D 246 13.82 6.63 -58.75
CA ALA D 246 14.52 7.23 -57.59
C ALA D 246 13.51 7.74 -56.52
N SER D 247 12.29 7.21 -56.56
CA SER D 247 11.24 7.54 -55.62
C SER D 247 10.20 6.40 -55.58
N HIS D 248 9.83 5.97 -54.38
CA HIS D 248 8.84 4.91 -54.27
C HIS D 248 7.48 5.41 -54.69
N PHE D 249 7.33 6.72 -54.72
CA PHE D 249 6.11 7.35 -55.11
C PHE D 249 6.37 8.09 -56.46
N VAL D 250 5.72 7.64 -57.52
CA VAL D 250 5.89 8.24 -58.86
C VAL D 250 4.57 8.09 -59.60
N THR D 251 3.87 9.22 -59.70
CA THR D 251 2.55 9.26 -60.33
C THR D 251 2.69 9.58 -61.82
N ARG D 252 2.41 8.59 -62.67
CA ARG D 252 2.38 8.84 -64.11
C ARG D 252 1.46 10.05 -64.36
N GLU D 253 1.77 10.84 -65.39
CA GLU D 253 1.04 12.09 -65.66
C GLU D 253 -0.45 11.89 -65.88
N GLU D 254 -0.84 10.87 -66.64
CA GLU D 254 -2.27 10.63 -66.90
C GLU D 254 -3.12 10.35 -65.64
N LYS D 255 -2.49 9.79 -64.59
CA LYS D 255 -3.13 9.53 -63.31
C LYS D 255 -3.24 10.83 -62.56
N MET D 256 -2.11 11.54 -62.47
CA MET D 256 -2.03 12.86 -61.83
C MET D 256 -3.17 13.72 -62.26
N ARG D 257 -3.37 13.76 -63.58
CA ARG D 257 -4.45 14.54 -64.20
C ARG D 257 -5.85 14.14 -63.71
N LEU D 258 -6.11 12.84 -63.61
CA LEU D 258 -7.40 12.38 -63.10
C LEU D 258 -7.50 12.67 -61.60
N ALA D 259 -6.41 12.39 -60.88
CA ALA D 259 -6.33 12.64 -59.42
C ALA D 259 -6.73 14.08 -59.07
N ILE D 260 -6.12 15.02 -59.75
CA ILE D 260 -6.38 16.42 -59.54
C ILE D 260 -7.83 16.74 -59.67
N GLN D 261 -8.50 16.11 -60.61
CA GLN D 261 -9.91 16.33 -60.75
C GLN D 261 -10.61 15.78 -59.53
N ASN D 262 -10.22 14.59 -59.09
CA ASN D 262 -10.85 14.00 -57.87
C ASN D 262 -10.59 14.81 -56.59
N ILE D 263 -9.37 15.30 -56.42
CA ILE D 263 -9.02 16.09 -55.28
C ILE D 263 -9.88 17.34 -55.20
N GLU D 264 -10.14 17.98 -56.36
CA GLU D 264 -11.06 19.11 -56.41
C GLU D 264 -12.41 18.62 -55.98
N GLN D 265 -12.95 17.60 -56.65
CA GLN D 265 -14.33 17.16 -56.33
C GLN D 265 -14.52 16.77 -54.86
N GLU D 266 -13.44 16.38 -54.16
CA GLU D 266 -13.53 16.08 -52.71
C GLU D 266 -13.58 17.40 -51.98
N LEU D 267 -12.71 18.32 -52.41
CA LEU D 267 -12.63 19.67 -51.83
C LEU D 267 -13.96 20.37 -51.97
N GLU D 268 -14.61 20.20 -53.11
CA GLU D 268 -15.90 20.80 -53.35
C GLU D 268 -16.84 20.31 -52.27
N GLU D 269 -16.88 18.99 -52.09
CA GLU D 269 -17.78 18.37 -51.15
C GLU D 269 -17.50 18.75 -49.74
N ARG D 270 -16.24 18.67 -49.32
CA ARG D 270 -15.86 18.94 -47.91
C ARG D 270 -16.19 20.34 -47.46
N LEU D 271 -15.95 21.30 -48.38
CA LEU D 271 -16.27 22.71 -48.14
C LEU D 271 -17.76 22.86 -47.86
N ALA D 272 -18.58 22.29 -48.74
CA ALA D 272 -20.03 22.34 -48.58
C ALA D 272 -20.47 21.72 -47.26
N GLU D 273 -19.85 20.63 -46.90
CA GLU D 273 -20.15 19.94 -45.65
C GLU D 273 -19.83 20.86 -44.48
N LEU D 274 -18.59 21.35 -44.46
CA LEU D 274 -18.11 22.27 -43.43
C LEU D 274 -18.99 23.51 -43.30
N ARG D 275 -19.35 24.12 -44.41
CA ARG D 275 -20.16 25.33 -44.41
C ARG D 275 -21.58 25.08 -43.97
N ALA D 276 -22.11 23.91 -44.33
CA ALA D 276 -23.44 23.52 -43.88
C ALA D 276 -23.47 23.39 -42.33
N GLN D 277 -22.31 23.15 -41.72
CA GLN D 277 -22.14 23.08 -40.26
C GLN D 277 -21.66 24.42 -39.69
N GLY D 278 -21.65 25.46 -40.49
CA GLY D 278 -21.15 26.74 -40.06
C GLY D 278 -19.66 26.81 -39.72
N LYS D 279 -18.86 25.87 -40.20
CA LYS D 279 -17.42 25.89 -39.95
C LYS D 279 -16.77 26.62 -41.10
N LEU D 280 -17.04 27.92 -41.18
CA LEU D 280 -16.62 28.76 -42.33
C LEU D 280 -15.15 29.01 -42.35
N LEU D 281 -14.59 29.27 -41.19
CA LEU D 281 -13.15 29.52 -41.07
C LEU D 281 -12.39 28.31 -41.56
N GLU D 282 -12.86 27.12 -41.14
CA GLU D 282 -12.21 25.85 -41.47
C GLU D 282 -12.36 25.55 -42.96
N ALA D 283 -13.55 25.83 -43.50
CA ALA D 283 -13.76 25.69 -44.93
C ALA D 283 -12.74 26.56 -45.67
N GLN D 284 -12.52 27.78 -45.18
CA GLN D 284 -11.60 28.70 -45.87
C GLN D 284 -10.19 28.22 -45.75
N ARG D 285 -9.82 27.83 -44.53
CA ARG D 285 -8.52 27.28 -44.29
C ARG D 285 -8.27 26.12 -45.27
N LEU D 286 -9.25 25.22 -45.36
CA LEU D 286 -9.18 24.09 -46.29
C LEU D 286 -9.08 24.51 -47.76
N GLU D 287 -9.99 25.38 -48.19
CA GLU D 287 -10.06 25.80 -49.58
C GLU D 287 -8.78 26.46 -50.03
N GLN D 288 -8.22 27.26 -49.16
CA GLN D 288 -7.02 27.98 -49.45
C GLN D 288 -5.83 27.05 -49.66
N ARG D 289 -5.61 26.14 -48.71
CA ARG D 289 -4.48 25.23 -48.79
C ARG D 289 -4.63 24.24 -49.90
N THR D 290 -5.84 23.70 -50.09
CA THR D 290 -6.06 22.67 -51.11
C THR D 290 -5.95 23.26 -52.52
N ARG D 291 -6.65 24.38 -52.75
CA ARG D 291 -6.55 25.10 -54.05
C ARG D 291 -5.11 25.49 -54.36
N TYR D 292 -4.36 25.82 -53.31
CA TYR D 292 -2.98 26.20 -53.47
C TYR D 292 -2.20 25.00 -53.94
N ASP D 293 -2.27 23.91 -53.20
CA ASP D 293 -1.56 22.65 -53.57
C ASP D 293 -1.90 22.23 -55.01
N LEU D 294 -3.21 22.21 -55.32
CA LEU D 294 -3.68 21.85 -56.65
C LEU D 294 -3.03 22.67 -57.82
N GLU D 295 -2.64 23.91 -57.54
CA GLU D 295 -1.95 24.72 -58.52
C GLU D 295 -0.51 24.27 -58.67
N MET D 296 0.19 24.09 -57.56
CA MET D 296 1.55 23.65 -57.65
C MET D 296 1.62 22.30 -58.36
N MET D 297 0.62 21.44 -58.12
CA MET D 297 0.59 20.14 -58.79
C MET D 297 0.46 20.37 -60.28
N ARG D 298 -0.46 21.25 -60.66
CA ARG D 298 -0.67 21.60 -62.06
C ARG D 298 0.52 22.27 -62.78
N GLU D 299 1.35 22.98 -62.05
CA GLU D 299 2.47 23.66 -62.66
C GLU D 299 3.72 22.86 -62.54
N MET D 300 4.04 22.45 -61.32
CA MET D 300 5.29 21.77 -61.06
C MET D 300 5.19 20.24 -61.02
N GLY D 301 3.99 19.69 -61.00
CA GLY D 301 3.80 18.23 -60.92
C GLY D 301 3.97 17.66 -59.50
N PHE D 302 4.13 18.55 -58.51
CA PHE D 302 4.25 18.16 -57.10
C PHE D 302 3.83 19.33 -56.18
N CYS D 303 3.95 19.17 -54.88
CA CYS D 303 3.57 20.24 -53.95
C CYS D 303 3.98 19.87 -52.57
N SER D 304 4.08 20.84 -51.67
CA SER D 304 4.48 20.57 -50.28
C SER D 304 3.41 19.80 -49.53
N GLY D 305 3.86 18.78 -48.81
CA GLY D 305 2.96 17.88 -48.09
C GLY D 305 2.20 16.97 -49.04
N ILE D 306 2.78 16.71 -50.21
CA ILE D 306 2.11 15.92 -51.23
C ILE D 306 1.54 14.61 -50.64
N GLU D 307 2.27 14.05 -49.66
CA GLU D 307 1.86 12.85 -48.86
C GLU D 307 0.36 12.71 -48.70
N ASN D 308 -0.24 13.78 -48.18
CA ASN D 308 -1.65 13.84 -47.82
C ASN D 308 -2.58 13.46 -48.96
N TYR D 309 -2.15 13.73 -50.20
CA TYR D 309 -2.94 13.38 -51.40
C TYR D 309 -2.66 11.93 -51.89
N SER D 310 -1.78 11.23 -51.15
CA SER D 310 -1.38 9.86 -51.43
C SER D 310 -2.40 9.02 -52.17
N ARG D 311 -3.47 8.59 -51.47
CA ARG D 311 -4.51 7.66 -52.00
C ARG D 311 -5.18 8.18 -53.26
N HIS D 312 -5.43 9.49 -53.30
CA HIS D 312 -5.97 10.16 -54.52
C HIS D 312 -5.09 10.00 -55.79
N LEU D 313 -3.80 10.30 -55.61
CA LEU D 313 -2.81 10.22 -56.65
C LEU D 313 -2.60 8.81 -57.15
N ALA D 314 -2.95 7.83 -56.32
CA ALA D 314 -2.85 6.43 -56.68
C ALA D 314 -4.13 5.92 -57.34
N LEU D 315 -5.16 6.76 -57.42
CA LEU D 315 -6.47 6.36 -57.95
C LEU D 315 -6.85 5.08 -57.30
N ARG D 316 -7.15 5.18 -56.02
CA ARG D 316 -7.49 4.06 -55.18
C ARG D 316 -8.70 4.47 -54.44
N PRO D 317 -9.62 3.53 -54.16
CA PRO D 317 -10.82 3.92 -53.43
C PRO D 317 -10.56 4.37 -52.01
N PRO D 318 -11.47 5.18 -51.47
CA PRO D 318 -11.33 5.63 -50.11
C PRO D 318 -11.34 4.45 -49.17
N GLY D 319 -10.51 4.51 -48.14
CA GLY D 319 -10.40 3.44 -47.18
C GLY D 319 -9.34 2.41 -47.54
N SER D 320 -8.95 2.35 -48.80
CA SER D 320 -7.95 1.43 -49.27
C SER D 320 -6.75 1.29 -48.31
N THR D 321 -6.36 0.04 -48.02
CA THR D 321 -5.19 -0.24 -47.20
C THR D 321 -3.95 0.20 -47.99
N PRO D 322 -3.03 0.93 -47.37
CA PRO D 322 -1.81 1.37 -48.08
C PRO D 322 -0.97 0.26 -48.60
N TYR D 323 -0.19 0.54 -49.65
CA TYR D 323 0.85 -0.42 -50.09
C TYR D 323 2.01 -0.19 -49.16
N THR D 324 2.76 -1.25 -48.84
CA THR D 324 3.89 -1.12 -47.89
C THR D 324 5.03 -2.02 -48.27
N LEU D 325 6.18 -1.84 -47.62
CA LEU D 325 7.36 -2.69 -47.90
C LEU D 325 6.98 -4.17 -47.91
N LEU D 326 6.03 -4.56 -47.06
CA LEU D 326 5.50 -5.94 -47.04
C LEU D 326 5.09 -6.37 -48.43
N ASP D 327 4.38 -5.48 -49.12
CA ASP D 327 3.88 -5.74 -50.49
C ASP D 327 4.99 -5.89 -51.55
N TYR D 328 6.16 -5.33 -51.26
CA TYR D 328 7.33 -5.40 -52.13
C TYR D 328 8.01 -6.77 -52.01
N PHE D 329 7.59 -7.59 -51.06
CA PHE D 329 8.11 -8.95 -50.97
C PHE D 329 7.32 -9.91 -51.85
N PRO D 330 8.00 -10.98 -52.38
CA PRO D 330 7.33 -12.06 -53.07
C PRO D 330 6.30 -12.63 -52.12
N ASP D 331 5.11 -13.00 -52.61
CA ASP D 331 4.04 -13.40 -51.69
C ASP D 331 4.23 -14.74 -51.01
N ASP D 332 5.41 -15.37 -51.18
CA ASP D 332 5.74 -16.56 -50.36
C ASP D 332 6.83 -16.25 -49.30
N PHE D 333 7.07 -14.97 -49.06
CA PHE D 333 8.10 -14.48 -48.13
C PHE D 333 7.88 -14.85 -46.66
N LEU D 334 8.91 -14.62 -45.87
CA LEU D 334 8.93 -14.97 -44.47
C LEU D 334 9.16 -13.73 -43.58
N ILE D 335 8.44 -13.68 -42.44
CA ILE D 335 8.58 -12.56 -41.47
C ILE D 335 9.14 -13.09 -40.16
N ILE D 336 10.21 -12.46 -39.69
CA ILE D 336 10.81 -12.75 -38.38
C ILE D 336 10.59 -11.49 -37.54
N VAL D 337 9.90 -11.65 -36.41
CA VAL D 337 9.63 -10.54 -35.52
C VAL D 337 10.50 -10.73 -34.31
N ASP D 338 11.54 -9.95 -34.22
CA ASP D 338 12.46 -10.02 -33.10
C ASP D 338 11.83 -9.39 -31.86
N GLU D 339 12.14 -9.89 -30.68
CA GLU D 339 11.51 -9.40 -29.44
C GLU D 339 10.02 -9.23 -29.63
N SER D 340 9.36 -10.25 -30.18
CA SER D 340 7.93 -10.17 -30.50
C SER D 340 7.05 -9.54 -29.41
N HIS D 341 7.36 -9.83 -28.17
CA HIS D 341 6.55 -9.38 -27.02
C HIS D 341 6.57 -7.86 -26.78
N VAL D 342 7.49 -7.16 -27.39
CA VAL D 342 7.49 -5.70 -27.37
C VAL D 342 7.26 -5.11 -28.81
N THR D 343 7.64 -5.87 -29.84
CA THR D 343 7.57 -5.43 -31.22
C THR D 343 6.16 -5.48 -31.81
N LEU D 344 5.43 -6.57 -31.58
CA LEU D 344 4.03 -6.67 -32.08
C LEU D 344 3.14 -5.60 -31.42
N PRO D 345 3.29 -5.38 -30.12
CA PRO D 345 2.57 -4.30 -29.51
C PRO D 345 2.87 -2.94 -30.15
N GLN D 346 4.12 -2.70 -30.55
CA GLN D 346 4.50 -1.43 -31.18
C GLN D 346 3.86 -1.30 -32.58
N LEU D 347 3.89 -2.39 -33.36
CA LEU D 347 3.27 -2.42 -34.70
C LEU D 347 1.81 -2.06 -34.60
N ARG D 348 1.13 -2.73 -33.67
CA ARG D 348 -0.28 -2.49 -33.39
C ARG D 348 -0.51 -0.99 -33.11
N GLY D 349 0.35 -0.43 -32.26
CA GLY D 349 0.18 0.94 -31.74
C GLY D 349 0.36 2.12 -32.66
N MET D 350 1.05 1.93 -33.78
CA MET D 350 1.39 3.04 -34.69
C MET D 350 0.19 3.74 -35.24
N TYR D 351 -0.76 2.98 -35.77
CA TYR D 351 -1.96 3.54 -36.44
C TYR D 351 -2.65 4.64 -35.66
N ASN D 352 -2.86 4.46 -34.36
CA ASN D 352 -3.55 5.47 -33.53
C ASN D 352 -2.83 6.78 -33.34
N GLY D 353 -1.55 6.74 -33.01
CA GLY D 353 -0.77 7.98 -32.88
C GLY D 353 -1.07 8.85 -34.10
N ASP D 354 -0.81 8.28 -35.27
CA ASP D 354 -1.03 8.93 -36.55
C ASP D 354 -2.50 9.34 -36.73
N ARG D 355 -3.40 8.36 -36.67
CA ARG D 355 -4.87 8.55 -36.81
C ARG D 355 -5.35 9.84 -36.19
N ALA D 356 -5.13 10.00 -34.89
CA ALA D 356 -5.66 11.15 -34.09
C ALA D 356 -5.09 12.50 -34.45
N ARG D 357 -3.82 12.53 -34.84
CA ARG D 357 -3.14 13.77 -35.26
C ARG D 357 -3.81 14.37 -36.52
N LYS D 358 -3.99 13.51 -37.54
CA LYS D 358 -4.69 13.90 -38.78
C LYS D 358 -6.09 14.29 -38.48
N GLN D 359 -6.79 13.49 -37.69
CA GLN D 359 -8.21 13.71 -37.43
C GLN D 359 -8.53 15.13 -36.98
N VAL D 360 -7.63 15.70 -36.19
CA VAL D 360 -7.77 17.09 -35.76
C VAL D 360 -7.59 18.00 -36.95
N LEU D 361 -6.55 17.74 -37.75
CA LEU D 361 -6.32 18.50 -39.01
C LEU D 361 -7.55 18.46 -39.92
N VAL D 362 -8.07 17.25 -40.16
CA VAL D 362 -9.28 17.08 -40.98
C VAL D 362 -10.48 17.85 -40.36
N ASP D 363 -10.69 17.67 -39.05
CA ASP D 363 -11.78 18.38 -38.36
C ASP D 363 -11.69 19.91 -38.45
N HIS D 364 -10.47 20.43 -38.43
CA HIS D 364 -10.27 21.86 -38.36
C HIS D 364 -9.99 22.51 -39.71
N GLY D 365 -10.07 21.74 -40.79
CA GLY D 365 -9.94 22.29 -42.16
C GLY D 365 -8.56 22.30 -42.75
N PHE D 366 -7.56 21.85 -42.00
CA PHE D 366 -6.18 21.84 -42.52
C PHE D 366 -5.96 20.80 -43.64
N ARG D 367 -6.72 19.70 -43.61
CA ARG D 367 -6.58 18.62 -44.64
C ARG D 367 -7.93 18.05 -44.98
N LEU D 368 -8.01 17.37 -46.14
CA LEU D 368 -9.26 16.74 -46.48
C LEU D 368 -9.34 15.40 -45.74
N PRO D 369 -10.54 14.87 -45.62
CA PRO D 369 -10.68 13.58 -45.01
C PRO D 369 -9.85 12.49 -45.67
N SER D 370 -9.60 12.57 -46.98
CA SER D 370 -8.76 11.58 -47.69
C SER D 370 -7.34 11.52 -47.18
N ALA D 371 -6.91 12.55 -46.44
CA ALA D 371 -5.57 12.60 -45.80
C ALA D 371 -5.41 11.47 -44.81
N LEU D 372 -6.53 11.07 -44.22
CA LEU D 372 -6.60 9.96 -43.31
C LEU D 372 -6.22 8.59 -44.01
N ASP D 373 -6.39 8.49 -45.34
CA ASP D 373 -6.00 7.27 -46.10
C ASP D 373 -4.48 7.16 -46.37
N ASN D 374 -3.73 8.08 -45.77
CA ASN D 374 -2.30 8.13 -45.85
C ASN D 374 -1.81 7.86 -44.43
N ARG D 375 -1.69 6.58 -44.13
CA ARG D 375 -1.44 6.12 -42.81
C ARG D 375 -0.64 4.87 -42.87
N PRO D 376 -0.16 4.42 -41.71
CA PRO D 376 0.38 3.09 -41.60
C PRO D 376 -0.74 2.05 -41.37
N LEU D 377 -0.41 0.79 -41.59
CA LEU D 377 -1.34 -0.31 -41.50
C LEU D 377 -1.95 -0.51 -40.11
N THR D 378 -3.20 -0.99 -40.08
CA THR D 378 -3.79 -1.48 -38.81
C THR D 378 -3.20 -2.85 -38.55
N PHE D 379 -3.08 -3.24 -37.29
CA PHE D 379 -2.52 -4.53 -36.99
C PHE D 379 -3.27 -5.63 -37.73
N GLU D 380 -4.59 -5.47 -37.81
CA GLU D 380 -5.41 -6.42 -38.51
C GLU D 380 -4.97 -6.49 -39.96
N GLU D 381 -4.59 -5.35 -40.53
CA GLU D 381 -4.07 -5.30 -41.92
C GLU D 381 -2.68 -5.91 -42.03
N PHE D 382 -1.81 -5.63 -41.05
CA PHE D 382 -0.50 -6.27 -41.02
C PHE D 382 -0.65 -7.77 -40.95
N GLU D 383 -1.66 -8.24 -40.20
CA GLU D 383 -1.98 -9.68 -40.11
C GLU D 383 -2.26 -10.29 -41.49
N GLN D 384 -3.04 -9.60 -42.31
CA GLN D 384 -3.47 -10.19 -43.61
C GLN D 384 -2.36 -10.25 -44.64
N LYS D 385 -1.35 -9.41 -44.46
CA LYS D 385 -0.22 -9.38 -45.36
C LYS D 385 0.79 -10.43 -45.00
N ILE D 386 0.61 -11.09 -43.85
CA ILE D 386 1.53 -12.12 -43.41
C ILE D 386 1.31 -13.31 -44.28
N ASN D 387 2.43 -13.94 -44.66
CA ASN D 387 2.45 -15.21 -45.37
C ASN D 387 2.75 -16.29 -44.34
N GLN D 388 3.98 -16.25 -43.86
CA GLN D 388 4.44 -17.10 -42.80
C GLN D 388 5.34 -16.26 -41.94
N ILE D 389 5.15 -16.36 -40.65
CA ILE D 389 5.84 -15.53 -39.71
C ILE D 389 6.39 -16.40 -38.60
N ILE D 390 7.49 -15.93 -37.98
CA ILE D 390 8.08 -16.57 -36.80
C ILE D 390 8.37 -15.51 -35.77
N TYR D 391 7.73 -15.61 -34.61
CA TYR D 391 7.96 -14.66 -33.52
C TYR D 391 9.11 -15.20 -32.67
N VAL D 392 9.94 -14.29 -32.18
CA VAL D 392 11.16 -14.66 -31.47
C VAL D 392 11.18 -13.89 -30.20
N SER D 393 11.09 -14.58 -29.07
CA SER D 393 11.10 -13.92 -27.75
C SER D 393 11.36 -14.91 -26.61
N ALA D 394 12.12 -14.45 -25.60
CA ALA D 394 12.36 -15.22 -24.40
C ALA D 394 11.07 -15.31 -23.58
N THR D 395 10.28 -14.26 -23.64
CA THR D 395 9.00 -14.21 -22.99
C THR D 395 7.96 -13.82 -24.03
N PRO D 396 7.64 -14.74 -24.96
CA PRO D 396 6.68 -14.41 -25.96
C PRO D 396 5.36 -14.10 -25.34
N GLY D 397 4.73 -13.03 -25.84
CA GLY D 397 3.44 -12.56 -25.36
C GLY D 397 2.29 -13.46 -25.78
N PRO D 398 1.07 -13.13 -25.32
CA PRO D 398 -0.11 -13.94 -25.60
C PRO D 398 -0.51 -14.04 -27.06
N TYR D 399 -0.32 -12.98 -27.84
CA TYR D 399 -0.68 -13.05 -29.28
C TYR D 399 0.09 -14.17 -29.94
N GLU D 400 1.43 -14.06 -29.89
CA GLU D 400 2.32 -15.09 -30.45
C GLU D 400 1.90 -16.46 -29.97
N LEU D 401 1.72 -16.57 -28.65
CA LEU D 401 1.33 -17.81 -28.01
C LEU D 401 0.00 -18.33 -28.52
N GLU D 402 -0.99 -17.46 -28.61
CA GLU D 402 -2.30 -17.90 -29.08
C GLU D 402 -2.18 -18.56 -30.48
N HIS D 403 -1.68 -17.81 -31.46
CA HIS D 403 -1.67 -18.28 -32.87
C HIS D 403 -0.61 -19.29 -33.24
N SER D 404 0.49 -19.35 -32.51
CA SER D 404 1.52 -20.36 -32.80
C SER D 404 1.08 -21.66 -32.19
N PRO D 405 1.12 -22.78 -32.97
CA PRO D 405 0.70 -24.09 -32.42
C PRO D 405 1.82 -24.69 -31.64
N GLY D 406 1.85 -24.40 -30.34
CA GLY D 406 2.96 -24.78 -29.51
C GLY D 406 4.10 -23.80 -29.76
N VAL D 407 5.26 -24.07 -29.18
CA VAL D 407 6.44 -23.21 -29.34
C VAL D 407 7.66 -24.02 -29.56
N VAL D 408 8.64 -23.46 -30.23
CA VAL D 408 9.84 -24.15 -30.46
C VAL D 408 10.77 -23.60 -29.43
N GLU D 409 11.16 -24.46 -28.54
CA GLU D 409 11.90 -24.06 -27.39
C GLU D 409 13.39 -24.15 -27.68
N GLN D 410 14.16 -23.33 -27.01
CA GLN D 410 15.60 -23.30 -27.17
C GLN D 410 16.24 -22.79 -25.85
N ILE D 411 16.66 -23.74 -25.01
CA ILE D 411 17.10 -23.47 -23.67
C ILE D 411 18.59 -23.59 -23.46
N ILE D 412 19.19 -24.64 -23.97
CA ILE D 412 20.60 -24.87 -23.70
C ILE D 412 21.44 -23.78 -24.29
N ARG D 413 22.18 -23.07 -23.45
CA ARG D 413 23.10 -22.04 -23.91
C ARG D 413 24.37 -22.74 -24.39
N PRO D 414 25.17 -22.08 -25.25
CA PRO D 414 26.38 -22.76 -25.67
C PRO D 414 27.46 -22.63 -24.56
N THR D 415 27.43 -21.58 -23.76
CA THR D 415 28.38 -21.43 -22.68
C THR D 415 28.19 -22.49 -21.61
N GLY D 416 26.98 -23.06 -21.57
CA GLY D 416 26.66 -24.04 -20.53
C GLY D 416 26.15 -23.41 -19.23
N LEU D 417 25.99 -22.07 -19.25
CA LEU D 417 25.50 -21.32 -18.11
C LEU D 417 24.09 -21.78 -17.80
N LEU D 418 23.80 -21.85 -16.49
CA LEU D 418 22.49 -22.34 -15.99
C LEU D 418 21.60 -21.26 -15.53
N ASP D 419 20.31 -21.39 -15.83
CA ASP D 419 19.29 -20.56 -15.20
C ASP D 419 19.49 -20.79 -13.69
N PRO D 420 19.41 -19.72 -12.89
CA PRO D 420 19.74 -19.79 -11.50
C PRO D 420 18.78 -20.54 -10.66
N THR D 421 19.11 -20.57 -9.39
CA THR D 421 18.31 -21.23 -8.39
C THR D 421 17.57 -20.15 -7.61
N ILE D 422 16.38 -20.48 -7.15
CA ILE D 422 15.55 -19.48 -6.51
C ILE D 422 15.11 -19.88 -5.14
N ASP D 423 15.50 -19.06 -4.18
CA ASP D 423 15.04 -19.15 -2.83
C ASP D 423 13.91 -18.18 -2.66
N VAL D 424 12.93 -18.58 -1.89
CA VAL D 424 11.82 -17.71 -1.57
C VAL D 424 11.74 -17.71 -0.01
N ARG D 425 11.91 -16.52 0.56
CA ARG D 425 12.04 -16.39 1.98
C ARG D 425 11.03 -15.39 2.54
N PRO D 426 10.70 -15.56 3.83
CA PRO D 426 9.80 -14.72 4.56
C PRO D 426 10.13 -13.26 4.46
N THR D 427 9.13 -12.41 4.66
CA THR D 427 9.34 -10.96 4.64
C THR D 427 9.95 -10.48 5.94
N LYS D 428 9.58 -11.13 7.06
CA LYS D 428 10.15 -10.78 8.36
C LYS D 428 11.64 -10.95 8.30
N GLY D 429 12.39 -9.90 8.64
CA GLY D 429 13.86 -9.96 8.66
C GLY D 429 14.53 -10.00 7.31
N GLN D 430 13.79 -9.61 6.27
CA GLN D 430 14.31 -9.66 4.90
C GLN D 430 15.50 -8.73 4.63
N ILE D 431 15.51 -7.53 5.19
CA ILE D 431 16.60 -6.60 4.90
C ILE D 431 17.90 -7.06 5.53
N ASP D 432 17.86 -7.43 6.81
CA ASP D 432 19.05 -7.98 7.47
C ASP D 432 19.54 -9.18 6.70
N ASP D 433 18.59 -9.98 6.22
CA ASP D 433 18.90 -11.15 5.46
C ASP D 433 19.59 -10.75 4.13
N LEU D 434 18.91 -9.93 3.37
CA LEU D 434 19.43 -9.42 2.12
C LEU D 434 20.81 -8.83 2.35
N ILE D 435 20.98 -8.02 3.40
CA ILE D 435 22.30 -7.42 3.74
C ILE D 435 23.39 -8.48 3.93
N GLY D 436 23.02 -9.55 4.62
CA GLY D 436 23.93 -10.67 4.82
C GLY D 436 24.32 -11.27 3.49
N GLU D 437 23.32 -11.60 2.68
CA GLU D 437 23.57 -12.19 1.37
C GLU D 437 24.43 -11.27 0.50
N ILE D 438 24.18 -9.97 0.57
CA ILE D 438 24.98 -8.97 -0.19
C ILE D 438 26.43 -8.86 0.31
N ARG D 439 26.64 -8.98 1.61
CA ARG D 439 28.00 -8.88 2.12
C ARG D 439 28.87 -10.05 1.66
N GLU D 440 28.25 -11.22 1.50
CA GLU D 440 28.95 -12.42 1.02
C GLU D 440 29.31 -12.32 -0.44
N ARG D 441 28.43 -11.70 -1.21
CA ARG D 441 28.69 -11.42 -2.61
C ARG D 441 29.83 -10.47 -2.76
N VAL D 442 29.84 -9.43 -1.93
CA VAL D 442 30.91 -8.41 -1.92
C VAL D 442 32.23 -9.11 -1.72
N GLU D 443 32.28 -9.99 -0.72
CA GLU D 443 33.47 -10.75 -0.41
C GLU D 443 33.98 -11.62 -1.58
N ARG D 444 33.10 -12.00 -2.52
CA ARG D 444 33.50 -12.81 -3.69
C ARG D 444 33.64 -11.98 -4.96
N ASN D 445 33.73 -10.66 -4.82
CA ASN D 445 33.75 -9.75 -5.97
C ASN D 445 32.55 -9.98 -6.92
N GLU D 446 31.35 -9.99 -6.34
CA GLU D 446 30.14 -10.21 -7.10
C GLU D 446 29.11 -9.12 -6.81
N ARG D 447 28.59 -8.53 -7.88
CA ARG D 447 27.58 -7.48 -7.77
C ARG D 447 26.21 -8.10 -7.50
N THR D 448 25.27 -7.26 -7.08
CA THR D 448 23.93 -7.70 -6.68
C THR D 448 22.89 -6.75 -7.24
N LEU D 449 21.78 -7.27 -7.77
CA LEU D 449 20.65 -6.40 -8.20
C LEU D 449 19.41 -6.65 -7.32
N VAL D 450 18.72 -5.57 -6.89
CA VAL D 450 17.45 -5.74 -6.16
C VAL D 450 16.33 -4.94 -6.81
N THR D 451 15.13 -5.52 -6.86
CA THR D 451 13.96 -4.86 -7.43
C THR D 451 12.84 -4.78 -6.40
N THR D 452 12.32 -3.57 -6.22
CA THR D 452 11.21 -3.30 -5.31
C THR D 452 10.08 -2.74 -6.14
N LEU D 453 8.93 -2.55 -5.52
CA LEU D 453 7.76 -2.12 -6.25
C LEU D 453 7.59 -0.62 -6.22
N THR D 454 7.81 -0.03 -5.05
CA THR D 454 7.59 1.40 -4.84
C THR D 454 8.91 2.19 -4.76
N LYS D 455 8.85 3.44 -5.20
CA LYS D 455 10.02 4.32 -5.19
C LYS D 455 10.56 4.59 -3.79
N LYS D 456 9.66 4.62 -2.79
CA LYS D 456 10.08 4.90 -1.41
C LYS D 456 10.80 3.71 -0.79
N MET D 457 10.37 2.50 -1.16
CA MET D 457 11.05 1.28 -0.68
C MET D 457 12.47 1.29 -1.15
N ALA D 458 12.69 1.78 -2.36
CA ALA D 458 14.02 1.88 -2.93
C ALA D 458 14.90 2.86 -2.13
N GLU D 459 14.32 4.01 -1.78
CA GLU D 459 15.03 4.98 -0.95
C GLU D 459 15.44 4.30 0.37
N ASP D 460 14.45 3.75 1.06
CA ASP D 460 14.69 3.06 2.35
C ASP D 460 15.72 1.96 2.21
N LEU D 461 15.51 1.07 1.23
CA LEU D 461 16.45 -0.05 1.03
C LEU D 461 17.87 0.45 0.74
N THR D 462 17.98 1.49 -0.09
CA THR D 462 19.28 2.09 -0.40
C THR D 462 19.91 2.64 0.88
N ASP D 463 19.09 3.24 1.73
CA ASP D 463 19.57 3.80 3.00
C ASP D 463 20.01 2.74 4.01
N TYR D 464 19.24 1.67 4.19
CA TYR D 464 19.65 0.56 5.10
C TYR D 464 21.00 0.03 4.69
N LEU D 465 21.12 -0.24 3.38
CA LEU D 465 22.33 -0.78 2.78
C LEU D 465 23.48 0.22 2.87
N LYS D 466 23.21 1.48 2.48
CA LYS D 466 24.22 2.52 2.58
C LYS D 466 24.71 2.57 4.04
N GLU D 467 23.77 2.65 4.98
CA GLU D 467 24.09 2.71 6.43
C GLU D 467 24.84 1.48 6.93
N ALA D 468 24.48 0.30 6.43
CA ALA D 468 25.21 -0.94 6.79
C ALA D 468 26.62 -0.89 6.24
N GLY D 469 26.86 0.00 5.27
CA GLY D 469 28.18 0.24 4.72
C GLY D 469 28.41 -0.45 3.39
N ILE D 470 27.40 -0.49 2.56
CA ILE D 470 27.49 -1.17 1.28
C ILE D 470 27.43 -0.14 0.17
N LYS D 471 28.14 -0.41 -0.93
CA LYS D 471 28.24 0.52 -2.06
C LYS D 471 27.04 0.38 -2.97
N VAL D 472 26.01 1.18 -2.71
CA VAL D 472 24.77 1.10 -3.47
C VAL D 472 24.69 2.23 -4.47
N ALA D 473 23.87 2.04 -5.48
CA ALA D 473 23.57 3.08 -6.45
C ALA D 473 22.12 2.88 -6.85
N TYR D 474 21.27 3.85 -6.49
CA TYR D 474 19.84 3.80 -6.81
C TYR D 474 19.64 4.17 -8.26
N LEU D 475 18.89 3.35 -8.97
CA LEU D 475 18.53 3.64 -10.34
C LEU D 475 17.11 4.25 -10.29
N HIS D 476 17.03 5.59 -10.32
CA HIS D 476 15.76 6.30 -10.34
C HIS D 476 15.19 6.17 -11.75
N ILE D 485 22.63 8.91 -16.76
CA ILE D 485 21.94 7.72 -17.23
C ILE D 485 22.72 6.37 -16.91
N GLU D 486 24.04 6.46 -16.86
CA GLU D 486 24.89 5.24 -16.73
C GLU D 486 24.87 4.46 -15.43
N ILE D 487 25.85 4.72 -14.53
CA ILE D 487 26.10 3.91 -13.26
C ILE D 487 26.28 2.40 -13.49
N ILE D 488 25.49 1.79 -14.40
CA ILE D 488 25.63 0.38 -14.78
C ILE D 488 27.06 0.06 -15.17
N ARG D 489 27.69 0.96 -15.90
CA ARG D 489 29.09 0.79 -16.24
C ARG D 489 29.92 0.92 -14.95
N ASP D 490 29.51 1.85 -14.08
CA ASP D 490 30.22 2.12 -12.81
C ASP D 490 30.01 0.96 -11.76
N LEU D 491 28.91 0.22 -11.94
CA LEU D 491 28.57 -0.97 -11.13
C LEU D 491 29.54 -2.08 -11.45
N ARG D 492 29.61 -2.43 -12.75
CA ARG D 492 30.52 -3.47 -13.26
C ARG D 492 31.91 -3.25 -12.78
N LEU D 493 32.36 -2.00 -12.92
CA LEU D 493 33.69 -1.62 -12.53
C LEU D 493 33.86 -1.79 -11.02
N GLY D 494 32.78 -1.65 -10.28
CA GLY D 494 32.79 -1.99 -8.89
C GLY D 494 32.85 -0.85 -7.93
N LYS D 495 32.48 0.35 -8.38
CA LYS D 495 32.36 1.45 -7.45
C LYS D 495 31.14 1.12 -6.60
N TYR D 496 30.14 0.55 -7.28
CA TYR D 496 28.91 0.12 -6.64
C TYR D 496 28.81 -1.43 -6.66
N ASP D 497 28.30 -1.97 -5.55
CA ASP D 497 28.12 -3.40 -5.39
C ASP D 497 26.70 -3.78 -5.72
N VAL D 498 25.76 -2.98 -5.22
CA VAL D 498 24.37 -3.23 -5.40
C VAL D 498 23.77 -2.16 -6.33
N LEU D 499 22.68 -2.50 -6.97
CA LEU D 499 21.93 -1.56 -7.74
C LEU D 499 20.46 -1.77 -7.41
N VAL D 500 19.81 -0.74 -6.91
CA VAL D 500 18.42 -0.86 -6.51
C VAL D 500 17.57 -0.13 -7.50
N GLY D 501 16.48 -0.76 -7.93
CA GLY D 501 15.55 -0.10 -8.82
C GLY D 501 14.22 -0.80 -8.87
N ILE D 502 13.17 -0.08 -9.20
CA ILE D 502 11.87 -0.68 -9.38
C ILE D 502 11.85 -1.62 -10.63
N ASN D 503 12.54 -1.20 -11.72
CA ASN D 503 12.58 -1.98 -12.97
C ASN D 503 14.00 -2.31 -13.50
N LEU D 504 14.35 -3.59 -13.39
CA LEU D 504 15.61 -4.11 -13.89
C LEU D 504 15.45 -4.72 -15.28
N LEU D 505 14.19 -4.81 -15.76
CA LEU D 505 13.87 -5.26 -17.13
C LEU D 505 14.47 -4.30 -18.17
N ARG D 506 14.63 -3.06 -17.75
CA ARG D 506 15.31 -2.04 -18.52
C ARG D 506 16.61 -2.59 -19.13
N GLU D 507 16.74 -2.42 -20.44
CA GLU D 507 17.88 -2.92 -21.18
C GLU D 507 19.19 -2.22 -20.76
N GLY D 508 20.25 -3.02 -20.60
CA GLY D 508 21.57 -2.51 -20.16
C GLY D 508 22.02 -3.15 -18.84
N LEU D 509 21.06 -3.66 -18.08
CA LEU D 509 21.36 -4.28 -16.80
C LEU D 509 21.66 -5.76 -16.94
N ASP D 510 22.26 -6.16 -18.06
CA ASP D 510 22.57 -7.59 -18.32
C ASP D 510 24.04 -7.93 -17.95
N ILE D 511 24.60 -7.20 -16.99
CA ILE D 511 26.00 -7.33 -16.63
C ILE D 511 26.32 -8.70 -15.96
N PRO D 512 27.41 -9.41 -16.42
CA PRO D 512 27.75 -10.71 -15.89
C PRO D 512 28.42 -10.72 -14.52
N GLU D 513 28.71 -9.56 -13.97
CA GLU D 513 29.25 -9.47 -12.60
C GLU D 513 28.16 -9.75 -11.54
N VAL D 514 26.89 -9.57 -11.94
CA VAL D 514 25.76 -9.78 -11.04
C VAL D 514 25.54 -11.27 -10.78
N SER D 515 25.79 -11.71 -9.55
CA SER D 515 25.58 -13.12 -9.20
C SER D 515 24.34 -13.33 -8.35
N LEU D 516 23.69 -12.22 -7.96
CA LEU D 516 22.52 -12.25 -7.06
C LEU D 516 21.49 -11.25 -7.46
N VAL D 517 20.28 -11.74 -7.76
CA VAL D 517 19.13 -10.88 -8.02
C VAL D 517 18.12 -11.09 -6.88
N ALA D 518 17.71 -10.00 -6.21
CA ALA D 518 16.77 -10.08 -5.09
C ALA D 518 15.49 -9.39 -5.46
N ILE D 519 14.41 -10.16 -5.47
CA ILE D 519 13.09 -9.64 -5.81
C ILE D 519 12.25 -9.39 -4.55
N LEU D 520 12.09 -8.12 -4.15
CA LEU D 520 11.25 -7.76 -2.98
C LEU D 520 9.75 -7.66 -3.39
N ASP D 521 8.88 -8.10 -2.49
CA ASP D 521 7.46 -8.12 -2.74
C ASP D 521 7.21 -8.90 -4.01
N ALA D 522 7.68 -10.14 -3.99
CA ALA D 522 7.55 -11.07 -5.09
C ALA D 522 6.13 -11.54 -5.23
N ASP D 523 5.43 -11.59 -4.09
CA ASP D 523 4.03 -12.04 -4.06
C ASP D 523 3.04 -10.90 -4.27
N LYS D 524 3.53 -9.67 -4.28
CA LYS D 524 2.64 -8.52 -4.47
C LYS D 524 2.22 -8.36 -5.90
N GLU D 525 1.21 -7.56 -6.09
CA GLU D 525 0.67 -7.28 -7.40
C GLU D 525 1.63 -6.44 -8.21
N GLY D 526 1.46 -6.47 -9.52
CA GLY D 526 2.25 -5.63 -10.38
C GLY D 526 2.52 -6.22 -11.73
N PHE D 527 2.78 -5.35 -12.70
CA PHE D 527 3.24 -5.77 -13.99
C PHE D 527 4.62 -6.33 -13.74
N LEU D 528 5.35 -5.63 -12.88
CA LEU D 528 6.69 -6.01 -12.50
C LEU D 528 6.80 -7.38 -11.81
N ARG D 529 5.69 -7.94 -11.33
CA ARG D 529 5.77 -9.23 -10.64
C ARG D 529 4.92 -10.35 -11.28
N SER D 530 4.71 -10.25 -12.59
CA SER D 530 3.94 -11.27 -13.31
C SER D 530 4.84 -12.42 -13.70
N GLU D 531 4.24 -13.44 -14.30
CA GLU D 531 4.99 -14.61 -14.81
C GLU D 531 6.12 -14.18 -15.73
N ARG D 532 5.79 -13.42 -16.76
CA ARG D 532 6.79 -13.00 -17.76
C ARG D 532 7.79 -11.98 -17.20
N SER D 533 7.35 -11.19 -16.26
CA SER D 533 8.19 -10.17 -15.72
C SER D 533 9.19 -10.81 -14.76
N LEU D 534 8.71 -11.68 -13.86
CA LEU D 534 9.59 -12.40 -12.91
C LEU D 534 10.67 -13.17 -13.66
N ILE D 535 10.25 -13.94 -14.65
CA ILE D 535 11.19 -14.66 -15.50
C ILE D 535 12.28 -13.70 -16.07
N GLN D 536 11.88 -12.64 -16.78
CA GLN D 536 12.91 -11.74 -17.31
C GLN D 536 13.89 -11.29 -16.20
N THR D 537 13.35 -11.02 -14.99
CA THR D 537 14.17 -10.59 -13.83
C THR D 537 15.14 -11.69 -13.38
N ILE D 538 14.63 -12.92 -13.31
CA ILE D 538 15.43 -14.09 -12.95
C ILE D 538 16.63 -14.23 -13.88
N GLY D 539 16.38 -14.10 -15.18
CA GLY D 539 17.41 -14.16 -16.22
C GLY D 539 18.58 -13.17 -16.06
N ARG D 540 18.39 -12.16 -15.21
CA ARG D 540 19.47 -11.22 -14.88
C ARG D 540 20.57 -11.89 -14.09
N ALA D 541 20.25 -13.06 -13.53
CA ALA D 541 21.21 -13.83 -12.78
C ALA D 541 21.63 -15.10 -13.51
N ALA D 542 21.63 -15.06 -14.86
CA ALA D 542 22.04 -16.23 -15.67
C ALA D 542 23.21 -15.90 -16.65
N ARG D 543 23.88 -14.79 -16.40
CA ARG D 543 25.07 -14.44 -17.16
C ARG D 543 26.28 -14.81 -16.33
N ASN D 544 26.04 -15.21 -15.07
CA ASN D 544 27.09 -15.49 -14.10
C ASN D 544 26.93 -16.91 -13.61
N ALA D 545 28.02 -17.65 -13.53
CA ALA D 545 27.99 -19.05 -13.19
C ALA D 545 27.63 -19.33 -11.74
N ASN D 546 27.57 -18.29 -10.92
CA ASN D 546 27.13 -18.42 -9.54
C ASN D 546 25.78 -17.69 -9.36
N GLY D 547 25.05 -17.56 -10.46
CA GLY D 547 23.77 -16.87 -10.49
C GLY D 547 22.82 -17.48 -9.52
N HIS D 548 22.05 -16.62 -8.87
CA HIS D 548 21.14 -17.05 -7.83
C HIS D 548 20.14 -15.93 -7.51
N VAL D 549 18.93 -16.33 -7.15
CA VAL D 549 17.83 -15.41 -6.95
C VAL D 549 17.10 -15.65 -5.66
N ILE D 550 16.84 -14.58 -4.92
CA ILE D 550 16.11 -14.64 -3.68
C ILE D 550 14.85 -13.80 -3.82
N MET D 551 13.68 -14.45 -3.77
CA MET D 551 12.39 -13.75 -3.80
C MET D 551 11.88 -13.65 -2.38
N TYR D 552 11.79 -12.43 -1.86
CA TYR D 552 11.18 -12.24 -0.52
C TYR D 552 9.65 -12.13 -0.66
N ALA D 553 8.94 -12.93 0.14
CA ALA D 553 7.51 -13.06 0.04
C ALA D 553 6.95 -13.76 1.28
N ASP D 554 5.65 -13.64 1.45
CA ASP D 554 4.95 -14.35 2.51
C ASP D 554 4.03 -15.39 1.96
N THR D 555 3.90 -15.41 0.64
CA THR D 555 2.94 -16.25 0.02
C THR D 555 3.42 -16.59 -1.40
N ILE D 556 2.95 -17.71 -1.98
CA ILE D 556 3.44 -18.14 -3.31
C ILE D 556 2.37 -18.01 -4.40
N THR D 557 2.48 -16.92 -5.17
CA THR D 557 1.52 -16.57 -6.22
C THR D 557 1.65 -17.51 -7.38
N LYS D 558 0.69 -17.51 -8.29
CA LYS D 558 0.80 -18.33 -9.51
C LYS D 558 2.02 -17.93 -10.29
N SER D 559 2.23 -16.63 -10.40
CA SER D 559 3.39 -16.11 -11.13
C SER D 559 4.66 -16.78 -10.61
N MET D 560 4.87 -16.65 -9.31
CA MET D 560 5.98 -17.26 -8.66
C MET D 560 5.97 -18.77 -8.92
N GLU D 561 4.91 -19.47 -8.53
CA GLU D 561 4.84 -20.94 -8.72
C GLU D 561 5.40 -21.31 -10.09
N ILE D 562 4.90 -20.64 -11.12
CA ILE D 562 5.25 -20.93 -12.51
C ILE D 562 6.66 -20.53 -12.86
N ALA D 563 7.00 -19.28 -12.58
CA ALA D 563 8.33 -18.77 -12.89
C ALA D 563 9.41 -19.58 -12.13
N ILE D 564 9.09 -20.02 -10.92
CA ILE D 564 10.00 -20.88 -10.18
C ILE D 564 10.04 -22.26 -10.84
N GLN D 565 8.87 -22.81 -11.15
CA GLN D 565 8.80 -24.14 -11.75
C GLN D 565 9.46 -24.23 -13.10
N GLU D 566 9.35 -23.19 -13.91
CA GLU D 566 9.92 -23.21 -15.26
C GLU D 566 11.43 -23.11 -15.19
N THR D 567 11.93 -22.11 -14.47
CA THR D 567 13.37 -21.90 -14.25
C THR D 567 13.98 -23.20 -13.77
N LYS D 568 13.22 -23.96 -12.99
CA LYS D 568 13.70 -25.22 -12.45
C LYS D 568 14.01 -26.19 -13.58
N ARG D 569 13.02 -26.55 -14.39
CA ARG D 569 13.27 -27.54 -15.49
C ARG D 569 14.22 -27.08 -16.59
N ARG D 570 14.53 -25.79 -16.64
CA ARG D 570 15.49 -25.27 -17.60
C ARG D 570 16.87 -25.60 -17.11
N ARG D 571 17.09 -25.24 -15.83
CA ARG D 571 18.36 -25.51 -15.14
C ARG D 571 18.62 -27.00 -15.11
N ALA D 572 17.55 -27.78 -15.08
CA ALA D 572 17.64 -29.20 -15.05
C ALA D 572 18.18 -29.68 -16.36
N ILE D 573 17.56 -29.23 -17.45
CA ILE D 573 17.96 -29.70 -18.77
C ILE D 573 19.33 -29.23 -19.08
N GLN D 574 19.60 -27.98 -18.74
CA GLN D 574 20.90 -27.41 -18.96
C GLN D 574 21.97 -28.27 -18.34
N GLU D 575 21.76 -28.65 -17.07
CA GLU D 575 22.73 -29.51 -16.38
C GLU D 575 22.91 -30.83 -17.06
N GLU D 576 21.80 -31.49 -17.39
CA GLU D 576 21.87 -32.76 -18.10
C GLU D 576 22.83 -32.65 -19.25
N TYR D 577 22.70 -31.53 -19.98
CA TYR D 577 23.48 -31.25 -21.17
C TYR D 577 24.94 -31.04 -20.86
N ASN D 578 25.20 -30.15 -19.90
CA ASN D 578 26.58 -29.85 -19.47
C ASN D 578 27.33 -31.11 -19.10
N ARG D 579 26.63 -31.98 -18.40
CA ARG D 579 27.18 -33.21 -17.89
C ARG D 579 27.58 -34.18 -19.01
N LYS D 580 26.74 -34.24 -20.02
CA LYS D 580 26.97 -35.09 -21.20
C LYS D 580 28.15 -34.62 -22.06
N HIS D 581 28.37 -33.31 -22.07
CA HIS D 581 29.41 -32.68 -22.90
C HIS D 581 30.64 -32.28 -22.09
N GLY D 582 30.64 -32.62 -20.80
CA GLY D 582 31.71 -32.26 -19.89
C GLY D 582 31.87 -30.75 -19.77
N ILE D 583 30.77 -30.02 -19.93
CA ILE D 583 30.81 -28.57 -19.88
C ILE D 583 30.87 -28.13 -18.45
N VAL D 584 31.78 -27.21 -18.17
CA VAL D 584 31.83 -26.58 -16.87
C VAL D 584 31.59 -25.10 -17.11
N PRO D 585 30.49 -24.58 -16.58
CA PRO D 585 30.17 -23.23 -16.82
C PRO D 585 31.09 -22.26 -16.10
N ARG D 586 31.58 -21.27 -16.85
CA ARG D 586 32.34 -20.16 -16.35
C ARG D 586 31.68 -18.91 -16.90
N THR D 587 31.67 -17.86 -16.10
CA THR D 587 31.09 -16.60 -16.51
C THR D 587 31.82 -16.09 -17.74
N VAL D 588 31.10 -15.34 -18.57
CA VAL D 588 31.66 -14.78 -19.81
C VAL D 588 32.05 -13.32 -19.63
N LYS D 589 33.35 -13.03 -19.74
CA LYS D 589 33.88 -11.66 -19.61
C LYS D 589 33.42 -10.82 -20.78
N LYS D 590 33.07 -9.57 -20.52
CA LYS D 590 32.73 -8.64 -21.58
C LYS D 590 33.51 -7.35 -21.35
N GLU D 591 33.96 -6.72 -22.44
CA GLU D 591 34.72 -5.48 -22.34
C GLU D 591 33.83 -4.41 -21.71
N ILE D 592 34.46 -3.46 -21.03
CA ILE D 592 33.74 -2.44 -20.28
C ILE D 592 33.56 -1.17 -21.18
N ARG D 593 33.36 0.02 -20.59
CA ARG D 593 33.17 1.26 -21.37
C ARG D 593 33.99 2.41 -20.80
#